data_5SA3
#
_entry.id   5SA3
#
_cell.length_a   80.570
_cell.length_b   108.620
_cell.length_c   112.040
_cell.angle_alpha   90.000
_cell.angle_beta   90.000
_cell.angle_gamma   90.000
#
_symmetry.space_group_name_H-M   'P 21 21 21'
#
loop_
_entity.id
_entity.type
_entity.pdbx_description
1 polymer 'N(1),N(8)-bis(glutathionyl)spermidine reductase'
2 non-polymer 'FLAVIN-ADENINE DINUCLEOTIDE'
3 non-polymer 'DIMETHYL SULFOXIDE'
4 non-polymer 'MAGNESIUM ION'
5 non-polymer 1-{[4-(propan-2-yl)phenyl]methyl}piperidin-4-ol
6 non-polymer 'BROMIDE ION'
7 water water
#
_entity_poly.entity_id   1
_entity_poly.type   'polypeptide(L)'
_entity_poly.pdbx_seq_one_letter_code
;GSHMSKAFDLVVIGAGSGGLEAGWNAATLYGKRVAVVDVQTSHGPPFYAALGGTCVNVGCVPKKLMVTGAQYMDHLRESA
GFGWEFDGSSVKANWKKLIAAKNEAVLDINKSYEGMFNDTEGLDFFLGWGSLESKNVVVVRETADPKSAVKERLQADHIL
LATGSWPQMPAIPGIEHCISSNEAFYLPEPPRRVLTVGGGFISVEFAGIFNAYKPPGGKVTLCYRNNLILRGFDETIREE
VTKQLTANGIEIMTNENPAKVSLNTDGSKHVTFESGKTLDVDVVMMAIGRIPRTNDLQLGNVGVKLTPKGGVQVDEFSRT
NVPNIYAIGDITDRLMLTPVAINEGAALVDTVFGNKPRKTDHTRVASAVFSIPPIGTCGLIEEVAAKEFEKVAVYMSSFT
PLMHNISGSKYKKFVAKIVTNHSDGTVLGVHLLGDGAPEIIQAVGVCLRLNAKISDFYNTIGVHPTSAEELCSMRTPSYY
YVKGEKMEKLPDSNL
;
_entity_poly.pdbx_strand_id   A,B
#
loop_
_chem_comp.id
_chem_comp.type
_chem_comp.name
_chem_comp.formula
BR non-polymer 'BROMIDE ION' 'Br -1'
DMS non-polymer 'DIMETHYL SULFOXIDE' 'C2 H6 O S'
FAD non-polymer 'FLAVIN-ADENINE DINUCLEOTIDE' 'C27 H33 N9 O15 P2'
MG non-polymer 'MAGNESIUM ION' 'Mg 2'
O0M non-polymer 1-{[4-(propan-2-yl)phenyl]methyl}piperidin-4-ol 'C15 H23 N O'
#
# COMPACT_ATOMS: atom_id res chain seq x y z
N LYS A 6 -27.76 4.47 -38.04
CA LYS A 6 -28.75 4.37 -36.93
C LYS A 6 -28.89 2.91 -36.47
N ALA A 7 -27.97 2.03 -36.88
CA ALA A 7 -28.04 0.59 -36.61
C ALA A 7 -26.74 0.16 -35.92
N PHE A 8 -26.85 -0.54 -34.79
CA PHE A 8 -25.67 -0.96 -33.98
C PHE A 8 -25.82 -2.41 -33.53
N ASP A 9 -24.69 -3.11 -33.43
CA ASP A 9 -24.59 -4.41 -32.71
C ASP A 9 -24.99 -4.18 -31.23
N LEU A 10 -24.45 -3.13 -30.60
CA LEU A 10 -24.68 -2.82 -29.15
C LEU A 10 -24.98 -1.34 -28.97
N VAL A 11 -26.13 -1.02 -28.33
CA VAL A 11 -26.45 0.32 -27.78
C VAL A 11 -26.41 0.29 -26.26
N VAL A 12 -25.59 1.17 -25.70
CA VAL A 12 -25.29 1.28 -24.24
C VAL A 12 -25.95 2.57 -23.77
N ILE A 13 -26.84 2.47 -22.80
CA ILE A 13 -27.41 3.69 -22.17
C ILE A 13 -26.68 3.92 -20.84
N GLY A 14 -25.86 4.99 -20.82
CA GLY A 14 -25.01 5.38 -19.70
C GLY A 14 -23.56 5.19 -20.06
N ALA A 15 -22.83 6.28 -20.27
CA ALA A 15 -21.40 6.29 -20.63
C ALA A 15 -20.59 6.30 -19.33
N GLY A 16 -20.81 5.31 -18.47
CA GLY A 16 -20.20 5.27 -17.13
C GLY A 16 -19.25 4.11 -17.00
N SER A 17 -18.95 3.74 -15.75
CA SER A 17 -17.90 2.75 -15.48
C SER A 17 -18.20 1.47 -16.30
N GLY A 18 -19.40 0.91 -16.14
CA GLY A 18 -19.83 -0.35 -16.79
C GLY A 18 -20.04 -0.13 -18.29
N GLY A 19 -20.71 0.95 -18.67
CA GLY A 19 -21.11 1.20 -20.08
C GLY A 19 -19.92 1.42 -20.97
N LEU A 20 -18.90 2.15 -20.50
CA LEU A 20 -17.70 2.42 -21.33
C LEU A 20 -16.81 1.18 -21.43
N GLU A 21 -16.65 0.38 -20.37
CA GLU A 21 -15.88 -0.88 -20.49
C GLU A 21 -16.55 -1.77 -21.54
N ALA A 22 -17.87 -1.96 -21.46
CA ALA A 22 -18.58 -2.82 -22.43
C ALA A 22 -18.39 -2.22 -23.84
N GLY A 23 -18.75 -0.94 -23.99
CA GLY A 23 -18.57 -0.16 -25.24
C GLY A 23 -17.21 -0.32 -25.89
N TRP A 24 -16.15 0.04 -25.18
N TRP A 24 -16.13 0.05 -25.18
CA TRP A 24 -14.74 0.03 -25.67
CA TRP A 24 -14.75 0.02 -25.72
C TRP A 24 -14.30 -1.40 -26.03
C TRP A 24 -14.33 -1.41 -26.06
N ASN A 25 -14.62 -2.36 -25.16
CA ASN A 25 -14.24 -3.79 -25.37
C ASN A 25 -14.95 -4.31 -26.60
N ALA A 26 -16.25 -4.05 -26.72
CA ALA A 26 -17.00 -4.62 -27.84
C ALA A 26 -16.37 -4.12 -29.16
N ALA A 27 -15.98 -2.84 -29.19
CA ALA A 27 -15.47 -2.19 -30.43
C ALA A 27 -14.06 -2.68 -30.71
N THR A 28 -13.16 -2.61 -29.72
CA THR A 28 -11.71 -2.79 -29.96
C THR A 28 -11.35 -4.28 -30.04
N LEU A 29 -11.94 -5.12 -29.20
CA LEU A 29 -11.59 -6.56 -29.11
C LEU A 29 -12.35 -7.35 -30.20
N TYR A 30 -13.60 -7.01 -30.50
CA TYR A 30 -14.52 -7.83 -31.35
C TYR A 30 -15.06 -7.04 -32.56
N GLY A 31 -14.49 -5.87 -32.85
CA GLY A 31 -14.81 -5.09 -34.06
C GLY A 31 -16.31 -4.87 -34.20
N LYS A 32 -17.03 -4.74 -33.09
CA LYS A 32 -18.51 -4.50 -33.12
C LYS A 32 -18.80 -3.01 -33.28
N ARG A 33 -20.02 -2.68 -33.71
CA ARG A 33 -20.48 -1.29 -33.90
C ARG A 33 -21.35 -0.91 -32.71
N VAL A 34 -20.93 0.12 -31.99
CA VAL A 34 -21.47 0.47 -30.65
C VAL A 34 -21.84 1.94 -30.61
N ALA A 35 -23.03 2.19 -30.08
CA ALA A 35 -23.58 3.50 -29.70
C ALA A 35 -23.60 3.64 -28.17
N VAL A 36 -23.06 4.72 -27.63
CA VAL A 36 -23.19 5.00 -26.17
C VAL A 36 -23.89 6.34 -25.95
N VAL A 37 -24.93 6.34 -25.11
CA VAL A 37 -25.79 7.51 -24.78
C VAL A 37 -25.43 8.01 -23.38
N ASP A 38 -25.30 9.33 -23.21
CA ASP A 38 -25.28 10.00 -21.88
C ASP A 38 -25.88 11.40 -22.01
N VAL A 39 -26.23 11.98 -20.89
CA VAL A 39 -27.07 13.22 -20.84
C VAL A 39 -26.14 14.42 -20.87
N GLN A 40 -24.83 14.22 -20.69
CA GLN A 40 -23.87 15.34 -20.51
C GLN A 40 -22.47 14.92 -20.92
N THR A 41 -21.65 15.85 -21.44
CA THR A 41 -20.32 15.47 -21.99
C THR A 41 -19.21 15.76 -20.96
N SER A 42 -19.47 16.56 -19.94
CA SER A 42 -18.46 16.85 -18.89
C SER A 42 -19.21 17.14 -17.60
N HIS A 43 -18.43 17.16 -16.53
CA HIS A 43 -18.88 17.12 -15.13
C HIS A 43 -19.71 18.34 -14.73
N GLY A 44 -20.64 18.08 -13.83
CA GLY A 44 -21.22 19.09 -12.92
C GLY A 44 -22.65 19.44 -13.28
N PRO A 45 -23.18 20.54 -12.70
CA PRO A 45 -24.57 20.91 -12.92
C PRO A 45 -24.82 21.09 -14.42
N PRO A 46 -26.01 20.79 -14.96
CA PRO A 46 -27.15 20.32 -14.18
C PRO A 46 -27.27 18.84 -13.76
N PHE A 47 -26.68 17.90 -14.49
CA PHE A 47 -26.97 16.44 -14.29
C PHE A 47 -25.83 15.72 -13.56
N TYR A 48 -24.70 16.39 -13.31
CA TYR A 48 -23.58 16.04 -12.39
C TYR A 48 -22.73 14.92 -12.98
N ALA A 49 -23.29 13.72 -13.14
CA ALA A 49 -22.70 12.64 -13.92
C ALA A 49 -22.82 13.01 -15.40
N ALA A 50 -21.90 12.49 -16.19
CA ALA A 50 -21.61 12.88 -17.58
C ALA A 50 -20.79 11.74 -18.16
N LEU A 51 -20.46 11.83 -19.45
CA LEU A 51 -19.39 11.05 -20.08
C LEU A 51 -18.31 10.67 -19.04
N GLY A 52 -18.11 9.38 -18.80
CA GLY A 52 -17.13 8.82 -17.86
C GLY A 52 -17.84 8.20 -16.67
N GLY A 53 -19.02 8.75 -16.33
CA GLY A 53 -19.98 8.24 -15.33
C GLY A 53 -19.85 8.92 -13.98
N THR A 54 -20.49 8.33 -12.98
CA THR A 54 -20.59 8.88 -11.61
C THR A 54 -19.21 8.90 -10.97
N CYS A 55 -18.48 7.81 -11.10
CA CYS A 55 -17.17 7.67 -10.45
C CYS A 55 -16.23 8.79 -10.91
N VAL A 56 -16.11 8.96 -12.22
CA VAL A 56 -15.22 9.96 -12.87
C VAL A 56 -15.67 11.36 -12.44
N ASN A 57 -16.97 11.64 -12.57
CA ASN A 57 -17.47 13.04 -12.53
C ASN A 57 -17.75 13.48 -11.08
N VAL A 58 -18.50 12.69 -10.33
CA VAL A 58 -18.95 13.07 -8.95
C VAL A 58 -18.86 11.85 -8.00
N GLY A 59 -17.74 11.15 -8.03
CA GLY A 59 -17.55 9.85 -7.37
C GLY A 59 -16.12 9.59 -6.98
N CYS A 60 -15.66 8.36 -7.23
CA CYS A 60 -14.36 7.84 -6.71
C CYS A 60 -13.25 8.86 -7.00
N VAL A 61 -13.18 9.33 -8.24
CA VAL A 61 -11.99 10.04 -8.75
C VAL A 61 -11.88 11.37 -8.01
N PRO A 62 -12.88 12.29 -8.08
CA PRO A 62 -12.74 13.56 -7.38
C PRO A 62 -12.73 13.37 -5.85
N LYS A 63 -13.51 12.42 -5.31
CA LYS A 63 -13.55 12.15 -3.84
C LYS A 63 -12.11 11.85 -3.38
N LYS A 64 -11.41 11.00 -4.10
CA LYS A 64 -10.06 10.52 -3.70
C LYS A 64 -9.10 11.71 -3.76
N LEU A 65 -9.20 12.55 -4.78
CA LEU A 65 -8.36 13.79 -4.83
C LEU A 65 -8.62 14.66 -3.60
N MET A 66 -9.89 14.79 -3.23
CA MET A 66 -10.29 15.67 -2.12
C MET A 66 -9.90 15.05 -0.77
N VAL A 67 -10.00 13.74 -0.63
CA VAL A 67 -9.48 13.05 0.58
C VAL A 67 -7.96 13.25 0.64
N THR A 68 -7.26 13.10 -0.48
CA THR A 68 -5.79 13.36 -0.52
C THR A 68 -5.50 14.79 -0.04
N GLY A 69 -6.23 15.80 -0.55
CA GLY A 69 -6.13 17.18 -0.03
C GLY A 69 -6.31 17.22 1.48
N ALA A 70 -7.35 16.56 1.98
CA ALA A 70 -7.69 16.60 3.41
C ALA A 70 -6.56 15.97 4.23
N GLN A 71 -5.90 14.93 3.69
CA GLN A 71 -4.83 14.21 4.42
C GLN A 71 -3.69 15.17 4.78
N TYR A 72 -3.48 16.25 4.03
CA TYR A 72 -2.37 17.21 4.35
C TYR A 72 -2.57 17.89 5.70
N MET A 73 -3.80 17.98 6.19
CA MET A 73 -3.98 18.50 7.55
C MET A 73 -3.19 17.61 8.52
N ASP A 74 -3.30 16.30 8.36
CA ASP A 74 -2.62 15.35 9.26
C ASP A 74 -1.11 15.37 8.94
N HIS A 75 -0.71 15.36 7.67
CA HIS A 75 0.75 15.38 7.32
C HIS A 75 1.41 16.62 7.93
N LEU A 76 0.80 17.80 7.78
CA LEU A 76 1.41 19.06 8.27
C LEU A 76 1.61 18.96 9.78
N ARG A 77 0.64 18.42 10.51
CA ARG A 77 0.76 18.28 11.97
C ARG A 77 1.82 17.22 12.31
N GLU A 78 1.73 16.05 11.67
CA GLU A 78 2.54 14.86 11.96
C GLU A 78 4.01 15.12 11.65
N SER A 79 4.29 16.01 10.70
CA SER A 79 5.66 16.36 10.28
C SER A 79 6.51 16.78 11.49
N ALA A 80 5.89 17.42 12.49
CA ALA A 80 6.59 18.03 13.65
C ALA A 80 7.36 16.94 14.41
N GLY A 81 6.77 15.75 14.60
CA GLY A 81 7.43 14.64 15.31
C GLY A 81 8.71 14.21 14.61
N PHE A 82 8.82 14.49 13.33
CA PHE A 82 9.98 14.09 12.49
C PHE A 82 10.94 15.28 12.37
N GLY A 83 10.69 16.38 13.09
CA GLY A 83 11.59 17.54 13.12
C GLY A 83 11.21 18.66 12.17
N TRP A 84 10.06 18.57 11.48
CA TRP A 84 9.65 19.67 10.58
C TRP A 84 9.11 20.83 11.43
N GLU A 85 9.58 22.01 11.10
CA GLU A 85 9.25 23.22 11.89
C GLU A 85 8.71 24.23 10.90
N PHE A 86 7.64 24.92 11.26
CA PHE A 86 7.13 26.07 10.46
C PHE A 86 6.08 26.78 11.28
N ASP A 87 5.66 27.94 10.78
CA ASP A 87 4.63 28.77 11.42
C ASP A 87 3.25 28.12 11.26
N GLY A 88 2.82 27.40 12.29
CA GLY A 88 1.51 26.70 12.30
C GLY A 88 0.38 27.71 12.21
N SER A 89 0.59 28.93 12.73
CA SER A 89 -0.40 30.03 12.70
C SER A 89 -0.62 30.52 11.26
N SER A 90 0.28 30.26 10.33
CA SER A 90 0.13 30.69 8.90
C SER A 90 -0.65 29.66 8.07
N VAL A 91 -0.99 28.49 8.60
CA VAL A 91 -1.56 27.41 7.76
C VAL A 91 -3.00 27.77 7.43
N LYS A 92 -3.35 27.73 6.16
CA LYS A 92 -4.72 27.97 5.63
C LYS A 92 -5.03 26.83 4.65
N ALA A 93 -6.25 26.32 4.68
CA ALA A 93 -6.72 25.35 3.67
C ALA A 93 -7.60 26.07 2.66
N ASN A 94 -7.11 26.19 1.44
CA ASN A 94 -7.83 26.88 0.33
C ASN A 94 -8.70 25.86 -0.41
N TRP A 95 -9.94 25.74 0.01
CA TRP A 95 -11.00 24.90 -0.61
C TRP A 95 -11.20 25.29 -2.07
N LYS A 96 -11.23 26.58 -2.38
CA LYS A 96 -11.49 27.01 -3.78
C LYS A 96 -10.38 26.50 -4.70
N LYS A 97 -9.12 26.59 -4.26
N LYS A 97 -9.12 26.57 -4.25
CA LYS A 97 -7.97 25.99 -4.98
CA LYS A 97 -8.00 26.00 -5.04
C LYS A 97 -8.32 24.51 -5.25
C LYS A 97 -8.30 24.49 -5.25
N LEU A 98 -8.59 23.76 -4.15
CA LEU A 98 -8.85 22.28 -4.25
C LEU A 98 -9.93 22.01 -5.31
N ILE A 99 -11.05 22.69 -5.22
CA ILE A 99 -12.18 22.44 -6.15
C ILE A 99 -11.74 22.80 -7.57
N ALA A 100 -10.99 23.88 -7.78
CA ALA A 100 -10.48 24.23 -9.14
C ALA A 100 -9.55 23.12 -9.65
N ALA A 101 -8.66 22.60 -8.83
CA ALA A 101 -7.72 21.54 -9.24
C ALA A 101 -8.53 20.29 -9.60
N LYS A 102 -9.45 19.89 -8.73
CA LYS A 102 -10.34 18.74 -8.96
C LYS A 102 -11.12 18.92 -10.28
N ASN A 103 -11.68 20.11 -10.53
CA ASN A 103 -12.51 20.35 -11.75
C ASN A 103 -11.65 20.15 -12.98
N GLU A 104 -10.43 20.68 -12.97
CA GLU A 104 -9.53 20.55 -14.14
C GLU A 104 -9.21 19.06 -14.35
N ALA A 105 -8.93 18.32 -13.28
CA ALA A 105 -8.57 16.88 -13.36
C ALA A 105 -9.73 16.11 -13.98
N VAL A 106 -10.96 16.37 -13.53
CA VAL A 106 -12.16 15.67 -14.03
C VAL A 106 -12.38 16.08 -15.49
N LEU A 107 -12.27 17.37 -15.80
CA LEU A 107 -12.53 17.83 -17.19
C LEU A 107 -11.59 17.13 -18.16
N ASP A 108 -10.32 16.99 -17.79
CA ASP A 108 -9.30 16.31 -18.62
C ASP A 108 -9.72 14.85 -18.88
N ILE A 109 -10.26 14.16 -17.87
CA ILE A 109 -10.81 12.79 -18.08
C ILE A 109 -11.98 12.86 -19.06
N ASN A 110 -12.90 13.79 -18.86
CA ASN A 110 -14.06 13.93 -19.77
C ASN A 110 -13.53 14.06 -21.21
N LYS A 111 -12.51 14.90 -21.38
CA LYS A 111 -11.94 15.19 -22.74
C LYS A 111 -11.22 13.93 -23.24
N SER A 112 -10.58 13.19 -22.36
CA SER A 112 -9.86 11.94 -22.73
C SER A 112 -10.89 10.94 -23.28
N TYR A 113 -12.08 10.83 -22.69
CA TYR A 113 -13.14 9.89 -23.18
C TYR A 113 -13.75 10.39 -24.49
N GLU A 114 -13.84 11.71 -24.61
CA GLU A 114 -14.26 12.29 -25.92
C GLU A 114 -13.26 11.81 -26.97
N GLY A 115 -11.96 11.96 -26.71
CA GLY A 115 -10.89 11.52 -27.63
C GLY A 115 -11.14 10.06 -27.99
N MET A 116 -11.39 9.24 -26.97
CA MET A 116 -11.60 7.78 -27.13
C MET A 116 -12.65 7.51 -28.21
N PHE A 117 -13.82 8.17 -28.12
CA PHE A 117 -14.98 7.99 -29.02
C PHE A 117 -14.65 8.48 -30.44
N ASN A 118 -14.02 9.66 -30.53
CA ASN A 118 -13.71 10.30 -31.84
C ASN A 118 -12.67 9.44 -32.58
N ASP A 119 -11.70 8.87 -31.86
CA ASP A 119 -10.62 8.06 -32.48
C ASP A 119 -11.03 6.65 -32.88
N THR A 120 -11.95 6.03 -32.15
CA THR A 120 -12.31 4.59 -32.26
C THR A 120 -13.41 4.40 -33.30
N GLU A 121 -13.12 3.63 -34.36
CA GLU A 121 -14.09 3.32 -35.44
C GLU A 121 -15.22 2.45 -34.86
N GLY A 122 -16.47 2.79 -35.15
CA GLY A 122 -17.66 2.01 -34.75
C GLY A 122 -17.93 2.09 -33.25
N LEU A 123 -17.49 3.17 -32.62
CA LEU A 123 -17.82 3.52 -31.22
C LEU A 123 -18.28 4.99 -31.28
N ASP A 124 -19.59 5.21 -31.24
CA ASP A 124 -20.22 6.55 -31.39
C ASP A 124 -20.88 6.97 -30.08
N PHE A 125 -20.68 8.23 -29.67
CA PHE A 125 -21.38 8.84 -28.52
C PHE A 125 -22.58 9.64 -29.02
N PHE A 126 -23.75 9.46 -28.40
CA PHE A 126 -24.97 10.28 -28.58
C PHE A 126 -25.31 11.01 -27.29
N LEU A 127 -25.61 12.31 -27.38
CA LEU A 127 -25.95 13.19 -26.23
C LEU A 127 -27.46 13.24 -26.07
N GLY A 128 -27.93 13.08 -24.85
CA GLY A 128 -29.37 13.08 -24.57
C GLY A 128 -29.77 11.90 -23.72
N TRP A 129 -31.08 11.80 -23.50
CA TRP A 129 -31.72 10.85 -22.55
C TRP A 129 -32.14 9.60 -23.32
N GLY A 130 -31.50 8.46 -23.00
CA GLY A 130 -31.87 7.15 -23.56
C GLY A 130 -33.08 6.57 -22.85
N SER A 131 -34.02 6.01 -23.62
CA SER A 131 -35.15 5.20 -23.13
C SER A 131 -35.42 4.07 -24.14
N LEU A 132 -36.13 3.03 -23.70
CA LEU A 132 -36.50 1.88 -24.57
C LEU A 132 -37.84 2.19 -25.26
N GLU A 133 -37.81 2.37 -26.57
CA GLU A 133 -39.02 2.40 -27.42
C GLU A 133 -39.61 0.98 -27.49
N SER A 134 -38.75 0.03 -27.83
CA SER A 134 -39.06 -1.39 -28.13
C SER A 134 -37.83 -2.27 -27.91
N LYS A 135 -37.98 -3.59 -28.05
CA LYS A 135 -36.96 -4.63 -27.73
C LYS A 135 -35.61 -4.28 -28.37
N ASN A 136 -35.61 -3.64 -29.55
CA ASN A 136 -34.41 -3.49 -30.41
C ASN A 136 -34.22 -2.03 -30.86
N VAL A 137 -34.94 -1.09 -30.23
CA VAL A 137 -34.80 0.36 -30.53
C VAL A 137 -34.63 1.17 -29.24
N VAL A 138 -33.55 1.94 -29.16
CA VAL A 138 -33.36 2.97 -28.11
C VAL A 138 -33.65 4.31 -28.75
N VAL A 139 -34.44 5.16 -28.10
CA VAL A 139 -34.68 6.56 -28.53
C VAL A 139 -33.86 7.48 -27.60
N VAL A 140 -33.17 8.47 -28.17
CA VAL A 140 -32.47 9.54 -27.41
C VAL A 140 -33.34 10.79 -27.55
N ARG A 141 -33.80 11.33 -26.42
CA ARG A 141 -34.66 12.54 -26.38
C ARG A 141 -33.85 13.70 -25.79
N GLU A 142 -34.37 14.92 -25.93
CA GLU A 142 -33.66 16.17 -25.52
C GLU A 142 -33.67 16.23 -23.99
N THR A 143 -34.70 15.72 -23.34
CA THR A 143 -34.79 15.73 -21.86
C THR A 143 -35.25 14.36 -21.36
N ALA A 144 -35.35 14.26 -20.03
CA ALA A 144 -35.81 13.08 -19.25
C ALA A 144 -37.33 12.95 -19.39
N ASP A 145 -38.01 14.05 -19.70
CA ASP A 145 -39.44 14.00 -20.13
C ASP A 145 -39.53 13.11 -21.36
N PRO A 146 -40.27 11.98 -21.30
CA PRO A 146 -40.45 11.11 -22.46
C PRO A 146 -41.26 11.75 -23.60
N LYS A 147 -41.87 12.92 -23.34
CA LYS A 147 -42.60 13.74 -24.32
C LYS A 147 -41.65 14.68 -25.09
N SER A 148 -40.38 14.80 -24.70
CA SER A 148 -39.45 15.77 -25.36
C SER A 148 -39.09 15.24 -26.75
N ALA A 149 -38.46 16.09 -27.56
CA ALA A 149 -38.09 15.83 -28.97
C ALA A 149 -37.15 14.61 -29.05
N VAL A 150 -37.38 13.72 -30.01
CA VAL A 150 -36.43 12.66 -30.42
C VAL A 150 -35.23 13.32 -31.12
N LYS A 151 -34.01 13.07 -30.64
CA LYS A 151 -32.77 13.47 -31.32
C LYS A 151 -32.32 12.34 -32.23
N GLU A 152 -32.51 11.09 -31.79
CA GLU A 152 -32.00 9.87 -32.48
C GLU A 152 -32.89 8.68 -32.16
N ARG A 153 -32.86 7.69 -33.06
CA ARG A 153 -33.59 6.41 -32.93
C ARG A 153 -32.60 5.32 -33.34
N LEU A 154 -32.05 4.61 -32.35
CA LEU A 154 -30.91 3.68 -32.50
C LEU A 154 -31.45 2.25 -32.54
N GLN A 155 -31.17 1.55 -33.64
CA GLN A 155 -31.50 0.12 -33.82
C GLN A 155 -30.34 -0.66 -33.19
N ALA A 156 -30.68 -1.62 -32.34
CA ALA A 156 -29.76 -2.37 -31.47
C ALA A 156 -30.04 -3.87 -31.56
N ASP A 157 -29.05 -4.66 -31.99
CA ASP A 157 -29.09 -6.15 -31.86
C ASP A 157 -28.98 -6.50 -30.36
N HIS A 158 -28.25 -5.69 -29.59
CA HIS A 158 -28.06 -5.85 -28.12
C HIS A 158 -28.17 -4.50 -27.40
N ILE A 159 -28.89 -4.43 -26.29
CA ILE A 159 -29.08 -3.19 -25.49
C ILE A 159 -28.46 -3.40 -24.08
N LEU A 160 -27.59 -2.49 -23.65
CA LEU A 160 -27.04 -2.50 -22.27
C LEU A 160 -27.59 -1.30 -21.49
N LEU A 161 -28.32 -1.57 -20.40
CA LEU A 161 -28.72 -0.59 -19.36
C LEU A 161 -27.58 -0.44 -18.35
N ALA A 162 -27.00 0.77 -18.26
CA ALA A 162 -25.85 1.07 -17.36
C ALA A 162 -25.96 2.51 -16.90
N THR A 163 -27.10 2.87 -16.31
CA THR A 163 -27.49 4.27 -16.04
C THR A 163 -27.09 4.62 -14.62
N GLY A 164 -26.56 3.64 -13.88
CA GLY A 164 -26.06 3.83 -12.51
C GLY A 164 -27.14 4.21 -11.50
N SER A 165 -26.76 5.03 -10.48
CA SER A 165 -27.60 5.36 -9.31
C SER A 165 -27.65 6.87 -9.10
N TRP A 166 -28.34 7.26 -8.06
CA TRP A 166 -28.64 8.68 -7.79
C TRP A 166 -28.88 8.82 -6.30
N PRO A 167 -28.53 9.95 -5.66
CA PRO A 167 -28.70 10.04 -4.21
C PRO A 167 -30.17 10.01 -3.82
N GLN A 168 -30.44 9.31 -2.74
CA GLN A 168 -31.77 9.31 -2.08
C GLN A 168 -31.84 10.50 -1.13
N MET A 169 -32.92 11.28 -1.18
CA MET A 169 -33.12 12.41 -0.24
C MET A 169 -34.34 12.11 0.60
N PRO A 170 -34.19 11.99 1.94
CA PRO A 170 -35.34 11.66 2.79
C PRO A 170 -36.39 12.77 2.65
N ALA A 171 -37.66 12.39 2.59
CA ALA A 171 -38.78 13.33 2.31
C ALA A 171 -39.18 14.01 3.61
N ILE A 172 -38.24 14.76 4.19
CA ILE A 172 -38.48 15.46 5.48
C ILE A 172 -38.77 16.92 5.16
N PRO A 173 -39.50 17.62 6.04
CA PRO A 173 -39.67 19.07 5.89
C PRO A 173 -38.31 19.79 5.84
N GLY A 174 -38.07 20.58 4.80
CA GLY A 174 -36.81 21.37 4.61
C GLY A 174 -35.70 20.59 3.90
N ILE A 175 -36.02 19.48 3.25
CA ILE A 175 -35.02 18.68 2.47
C ILE A 175 -34.45 19.57 1.36
N GLU A 176 -35.22 20.55 0.88
CA GLU A 176 -34.72 21.48 -0.14
C GLU A 176 -33.57 22.35 0.41
N HIS A 177 -33.33 22.41 1.72
CA HIS A 177 -32.22 23.17 2.31
C HIS A 177 -30.94 22.30 2.35
N CYS A 178 -31.07 21.03 1.98
CA CYS A 178 -30.01 20.00 2.10
C CYS A 178 -29.35 19.76 0.75
N ILE A 179 -28.13 19.25 0.76
CA ILE A 179 -27.47 18.82 -0.49
C ILE A 179 -27.21 17.33 -0.42
N SER A 180 -26.79 16.80 -1.55
CA SER A 180 -26.20 15.45 -1.71
C SER A 180 -24.72 15.61 -2.03
N SER A 181 -24.03 14.50 -2.17
CA SER A 181 -22.63 14.48 -2.59
C SER A 181 -22.48 15.25 -3.91
N ASN A 182 -23.46 15.25 -4.82
CA ASN A 182 -23.38 15.91 -6.14
C ASN A 182 -22.98 17.38 -5.91
N GLU A 183 -23.70 18.07 -5.03
CA GLU A 183 -23.51 19.52 -4.75
C GLU A 183 -22.28 19.72 -3.89
N ALA A 184 -21.89 18.74 -3.06
CA ALA A 184 -20.69 18.84 -2.19
C ALA A 184 -19.46 19.12 -3.06
N PHE A 185 -19.39 18.53 -4.25
CA PHE A 185 -18.25 18.69 -5.18
C PHE A 185 -18.17 20.12 -5.73
N TYR A 186 -19.19 20.95 -5.59
CA TYR A 186 -19.18 22.29 -6.19
C TYR A 186 -19.42 23.41 -5.17
N LEU A 187 -19.37 23.13 -3.88
CA LEU A 187 -19.58 24.19 -2.87
C LEU A 187 -18.58 25.30 -3.15
N PRO A 188 -19.04 26.55 -3.33
CA PRO A 188 -18.13 27.68 -3.57
C PRO A 188 -17.20 28.00 -2.39
N GLU A 189 -17.62 27.65 -1.16
CA GLU A 189 -16.85 27.88 0.08
C GLU A 189 -16.92 26.65 0.96
N PRO A 190 -15.87 26.39 1.77
CA PRO A 190 -15.87 25.25 2.68
C PRO A 190 -16.76 25.61 3.86
N PRO A 191 -17.73 24.75 4.24
CA PRO A 191 -18.62 25.06 5.35
C PRO A 191 -17.81 25.12 6.64
N ARG A 192 -18.16 26.10 7.47
CA ARG A 192 -17.65 26.19 8.85
C ARG A 192 -18.24 25.06 9.68
N ARG A 193 -19.56 24.87 9.59
CA ARG A 193 -20.27 23.81 10.33
C ARG A 193 -21.01 22.95 9.31
N VAL A 194 -20.85 21.64 9.41
CA VAL A 194 -21.53 20.75 8.45
C VAL A 194 -22.00 19.52 9.20
N LEU A 195 -23.19 19.08 8.80
CA LEU A 195 -23.80 17.82 9.24
C LEU A 195 -23.78 16.90 8.03
N THR A 196 -23.01 15.82 8.11
CA THR A 196 -23.08 14.74 7.10
C THR A 196 -24.03 13.68 7.68
N VAL A 197 -25.08 13.39 6.93
CA VAL A 197 -26.17 12.49 7.36
C VAL A 197 -25.97 11.14 6.69
N GLY A 198 -25.73 10.13 7.53
CA GLY A 198 -25.55 8.75 7.09
C GLY A 198 -24.28 8.15 7.66
N GLY A 199 -24.26 6.83 7.69
CA GLY A 199 -23.21 6.04 8.35
C GLY A 199 -22.38 5.29 7.34
N GLY A 200 -22.61 5.50 6.05
CA GLY A 200 -21.88 4.77 5.00
C GLY A 200 -20.62 5.51 4.57
N PHE A 201 -19.95 4.93 3.58
CA PHE A 201 -18.63 5.42 3.14
C PHE A 201 -18.72 6.87 2.67
N ILE A 202 -19.80 7.29 2.00
CA ILE A 202 -19.86 8.67 1.43
C ILE A 202 -19.88 9.71 2.56
N SER A 203 -20.72 9.48 3.56
CA SER A 203 -20.83 10.39 4.73
C SER A 203 -19.47 10.43 5.44
N VAL A 204 -18.86 9.27 5.68
CA VAL A 204 -17.60 9.18 6.45
C VAL A 204 -16.48 9.91 5.71
N GLU A 205 -16.41 9.73 4.40
CA GLU A 205 -15.32 10.26 3.56
C GLU A 205 -15.48 11.77 3.50
N PHE A 206 -16.71 12.25 3.32
CA PHE A 206 -16.96 13.71 3.26
C PHE A 206 -16.77 14.35 4.63
N ALA A 207 -17.06 13.65 5.74
CA ALA A 207 -16.81 14.21 7.07
C ALA A 207 -15.30 14.49 7.19
N GLY A 208 -14.47 13.59 6.66
CA GLY A 208 -13.02 13.79 6.66
C GLY A 208 -12.61 14.99 5.83
N ILE A 209 -13.15 15.09 4.63
CA ILE A 209 -12.80 16.18 3.69
C ILE A 209 -13.16 17.51 4.37
N PHE A 210 -14.40 17.64 4.83
CA PHE A 210 -14.88 18.93 5.39
C PHE A 210 -14.07 19.24 6.65
N ASN A 211 -13.66 18.21 7.40
CA ASN A 211 -12.94 18.41 8.67
C ASN A 211 -11.61 19.12 8.39
N ALA A 212 -10.98 18.83 7.26
CA ALA A 212 -9.63 19.35 6.96
C ALA A 212 -9.75 20.76 6.39
N TYR A 213 -10.81 21.06 5.63
CA TYR A 213 -10.95 22.34 4.90
C TYR A 213 -11.80 23.37 5.65
N LYS A 214 -12.37 23.02 6.81
CA LYS A 214 -13.28 23.97 7.51
C LYS A 214 -12.49 25.23 7.90
N PRO A 215 -13.10 26.42 7.79
CA PRO A 215 -12.52 27.65 8.33
C PRO A 215 -12.39 27.60 9.85
N PRO A 216 -11.61 28.54 10.45
CA PRO A 216 -11.39 28.55 11.90
C PRO A 216 -12.74 28.52 12.65
N GLY A 217 -12.77 27.88 13.81
CA GLY A 217 -13.98 27.74 14.64
C GLY A 217 -15.02 26.83 14.01
N GLY A 218 -14.56 25.86 13.23
CA GLY A 218 -15.41 24.98 12.40
C GLY A 218 -15.73 23.71 13.15
N LYS A 219 -16.76 22.98 12.69
CA LYS A 219 -17.19 21.75 13.37
C LYS A 219 -17.88 20.87 12.33
N VAL A 220 -17.37 19.66 12.17
CA VAL A 220 -18.03 18.59 11.36
C VAL A 220 -18.74 17.65 12.31
N THR A 221 -20.02 17.45 12.07
CA THR A 221 -20.86 16.48 12.79
C THR A 221 -21.33 15.46 11.77
N LEU A 222 -21.18 14.20 12.10
CA LEU A 222 -21.77 13.13 11.28
C LEU A 222 -22.85 12.51 12.14
N CYS A 223 -24.04 12.34 11.61
CA CYS A 223 -25.13 11.64 12.35
C CYS A 223 -25.47 10.33 11.61
N TYR A 224 -25.89 9.35 12.38
CA TYR A 224 -26.29 8.03 11.84
C TYR A 224 -27.44 7.51 12.70
N ARG A 225 -28.47 7.02 12.03
CA ARG A 225 -29.77 6.66 12.67
C ARG A 225 -29.56 5.47 13.62
N ASN A 226 -28.56 4.62 13.40
CA ASN A 226 -28.37 3.40 14.25
C ASN A 226 -27.13 3.56 15.10
N ASN A 227 -26.70 2.49 15.75
CA ASN A 227 -25.80 2.59 16.92
C ASN A 227 -24.33 2.76 16.52
N LEU A 228 -23.95 2.29 15.34
CA LEU A 228 -22.51 2.20 14.93
C LEU A 228 -22.40 2.33 13.40
N ILE A 229 -21.55 3.26 12.93
CA ILE A 229 -21.40 3.61 11.49
C ILE A 229 -20.86 2.38 10.73
N LEU A 230 -20.91 2.45 9.38
CA LEU A 230 -20.21 1.50 8.48
C LEU A 230 -20.69 0.07 8.70
N ARG A 231 -22.00 -0.09 8.80
CA ARG A 231 -22.69 -1.39 8.67
C ARG A 231 -22.09 -2.13 7.48
N GLY A 232 -21.75 -3.40 7.69
CA GLY A 232 -21.24 -4.31 6.65
C GLY A 232 -19.73 -4.41 6.66
N PHE A 233 -19.06 -3.50 7.37
CA PHE A 233 -17.60 -3.59 7.62
C PHE A 233 -17.34 -4.37 8.91
N ASP A 234 -16.09 -4.77 9.10
CA ASP A 234 -15.62 -5.48 10.30
C ASP A 234 -15.96 -4.64 11.54
N GLU A 235 -16.47 -5.30 12.60
CA GLU A 235 -16.93 -4.54 13.80
C GLU A 235 -15.78 -3.81 14.49
N THR A 236 -14.62 -4.46 14.65
CA THR A 236 -13.45 -3.83 15.30
C THR A 236 -13.14 -2.55 14.54
N ILE A 237 -13.14 -2.65 13.22
CA ILE A 237 -12.82 -1.47 12.36
C ILE A 237 -13.90 -0.40 12.53
N ARG A 238 -15.19 -0.76 12.60
CA ARG A 238 -16.26 0.25 12.69
C ARG A 238 -16.04 1.07 13.97
N GLU A 239 -15.71 0.37 15.05
CA GLU A 239 -15.50 1.02 16.37
C GLU A 239 -14.23 1.88 16.27
N GLU A 240 -13.17 1.35 15.65
CA GLU A 240 -11.88 2.08 15.57
C GLU A 240 -11.99 3.34 14.70
N VAL A 241 -12.62 3.24 13.52
N VAL A 241 -12.63 3.26 13.54
CA VAL A 241 -12.85 4.41 12.63
CA VAL A 241 -12.80 4.45 12.64
C VAL A 241 -13.58 5.49 13.43
C VAL A 241 -13.61 5.51 13.40
N THR A 242 -14.64 5.08 14.16
CA THR A 242 -15.44 5.98 15.03
C THR A 242 -14.50 6.75 15.96
N LYS A 243 -13.60 6.04 16.62
CA LYS A 243 -12.64 6.63 17.60
C LYS A 243 -11.71 7.59 16.88
N GLN A 244 -11.23 7.19 15.69
CA GLN A 244 -10.11 7.90 15.01
C GLN A 244 -10.70 9.14 14.33
N LEU A 245 -11.95 9.08 13.90
CA LEU A 245 -12.65 10.29 13.40
C LEU A 245 -12.85 11.27 14.58
N THR A 246 -13.28 10.73 15.72
CA THR A 246 -13.53 11.52 16.97
C THR A 246 -12.22 12.18 17.39
N ALA A 247 -11.13 11.44 17.35
CA ALA A 247 -9.79 11.94 17.78
C ALA A 247 -9.36 13.09 16.88
N ASN A 248 -9.88 13.16 15.66
CA ASN A 248 -9.45 14.18 14.68
C ASN A 248 -10.48 15.32 14.65
N GLY A 249 -11.42 15.35 15.59
CA GLY A 249 -12.30 16.51 15.84
C GLY A 249 -13.70 16.36 15.26
N ILE A 250 -14.04 15.25 14.63
CA ILE A 250 -15.39 15.07 14.04
C ILE A 250 -16.32 14.61 15.16
N GLU A 251 -17.52 15.18 15.27
CA GLU A 251 -18.49 14.69 16.28
C GLU A 251 -19.38 13.63 15.63
N ILE A 252 -19.43 12.44 16.20
CA ILE A 252 -20.25 11.29 15.71
C ILE A 252 -21.52 11.22 16.57
N MET A 253 -22.69 11.58 16.00
CA MET A 253 -24.02 11.47 16.64
C MET A 253 -24.66 10.18 16.14
N THR A 254 -24.57 9.09 16.90
CA THR A 254 -25.24 7.81 16.57
C THR A 254 -26.63 7.77 17.22
N ASN A 255 -27.54 6.94 16.70
CA ASN A 255 -28.96 6.89 17.14
C ASN A 255 -29.62 8.26 16.95
N GLU A 256 -29.25 9.01 15.93
CA GLU A 256 -29.82 10.35 15.64
C GLU A 256 -30.15 10.47 14.16
N ASN A 257 -31.21 11.18 13.86
CA ASN A 257 -31.67 11.33 12.45
C ASN A 257 -32.47 12.62 12.33
N PRO A 258 -32.17 13.50 11.35
CA PRO A 258 -32.94 14.71 11.11
C PRO A 258 -34.42 14.41 10.83
N ALA A 259 -35.29 15.13 11.53
CA ALA A 259 -36.76 15.11 11.38
C ALA A 259 -37.16 16.29 10.52
N LYS A 260 -36.42 17.39 10.61
CA LYS A 260 -36.64 18.52 9.69
C LYS A 260 -35.47 19.50 9.74
N VAL A 261 -35.46 20.37 8.75
CA VAL A 261 -34.50 21.47 8.60
C VAL A 261 -35.28 22.73 8.26
N SER A 262 -34.92 23.84 8.89
CA SER A 262 -35.42 25.18 8.48
C SER A 262 -34.22 26.12 8.31
N LEU A 263 -34.40 27.15 7.50
CA LEU A 263 -33.40 28.22 7.31
C LEU A 263 -33.49 29.19 8.50
N ASN A 264 -32.36 29.47 9.12
CA ASN A 264 -32.19 30.63 10.04
C ASN A 264 -32.17 31.88 9.16
N THR A 265 -32.39 33.05 9.75
CA THR A 265 -32.48 34.33 9.00
C THR A 265 -31.13 34.61 8.33
N ASP A 266 -30.00 34.10 8.86
CA ASP A 266 -28.64 34.33 8.27
C ASP A 266 -28.31 33.32 7.16
N GLY A 267 -29.24 32.42 6.79
CA GLY A 267 -29.06 31.46 5.67
C GLY A 267 -28.51 30.13 6.16
N SER A 268 -28.16 30.03 7.45
CA SER A 268 -27.68 28.78 8.06
C SER A 268 -28.88 27.85 8.28
N LYS A 269 -28.63 26.59 8.58
CA LYS A 269 -29.64 25.53 8.68
C LYS A 269 -29.83 25.15 10.13
N HIS A 270 -31.10 25.13 10.54
CA HIS A 270 -31.52 24.71 11.88
C HIS A 270 -32.06 23.29 11.71
N VAL A 271 -31.28 22.33 12.19
CA VAL A 271 -31.61 20.89 12.09
C VAL A 271 -32.32 20.49 13.38
N THR A 272 -33.53 19.95 13.25
CA THR A 272 -34.22 19.26 14.35
C THR A 272 -34.16 17.75 14.15
N PHE A 273 -33.63 17.04 15.14
CA PHE A 273 -33.51 15.58 15.15
C PHE A 273 -34.83 14.99 15.65
N GLU A 274 -35.07 13.73 15.31
CA GLU A 274 -36.22 12.92 15.80
C GLU A 274 -36.20 12.89 17.34
N SER A 275 -35.02 12.88 17.97
CA SER A 275 -34.84 12.90 19.45
C SER A 275 -35.25 14.25 20.07
N GLY A 276 -35.45 15.30 19.28
CA GLY A 276 -35.73 16.65 19.80
C GLY A 276 -34.47 17.50 19.85
N LYS A 277 -33.27 16.92 19.71
CA LYS A 277 -32.02 17.72 19.72
C LYS A 277 -32.05 18.67 18.52
N THR A 278 -31.33 19.78 18.62
CA THR A 278 -31.15 20.70 17.48
C THR A 278 -29.67 21.00 17.27
N LEU A 279 -29.35 21.48 16.08
CA LEU A 279 -27.97 21.78 15.64
C LEU A 279 -28.07 22.78 14.51
N ASP A 280 -27.30 23.86 14.58
CA ASP A 280 -27.16 24.84 13.47
C ASP A 280 -25.89 24.50 12.69
N VAL A 281 -26.02 24.44 11.37
CA VAL A 281 -24.87 24.14 10.47
C VAL A 281 -25.04 25.00 9.24
N ASP A 282 -23.94 25.11 8.48
CA ASP A 282 -23.93 25.86 7.23
C ASP A 282 -24.36 24.95 6.09
N VAL A 283 -24.10 23.64 6.21
CA VAL A 283 -24.38 22.63 5.17
C VAL A 283 -24.89 21.36 5.81
N VAL A 284 -25.97 20.83 5.21
CA VAL A 284 -26.54 19.51 5.55
C VAL A 284 -26.37 18.64 4.31
N MET A 285 -25.44 17.70 4.38
CA MET A 285 -25.18 16.81 3.25
C MET A 285 -25.82 15.48 3.56
N MET A 286 -26.77 15.07 2.73
CA MET A 286 -27.48 13.80 2.92
C MET A 286 -26.69 12.72 2.17
N ALA A 287 -26.34 11.64 2.86
CA ALA A 287 -25.62 10.49 2.24
C ALA A 287 -26.19 9.22 2.83
N ILE A 288 -27.50 9.01 2.68
CA ILE A 288 -28.25 7.92 3.40
C ILE A 288 -28.48 6.76 2.43
N GLY A 289 -28.18 6.93 1.14
CA GLY A 289 -28.37 5.85 0.16
C GLY A 289 -28.33 6.36 -1.24
N ARG A 290 -28.17 5.43 -2.15
CA ARG A 290 -28.26 5.70 -3.60
C ARG A 290 -29.23 4.67 -4.16
N ILE A 291 -30.01 5.10 -5.15
CA ILE A 291 -31.09 4.30 -5.75
C ILE A 291 -30.83 4.23 -7.25
N PRO A 292 -31.12 3.05 -7.83
CA PRO A 292 -30.89 2.84 -9.25
C PRO A 292 -31.74 3.81 -10.08
N ARG A 293 -31.17 4.21 -11.22
CA ARG A 293 -31.78 5.16 -12.17
C ARG A 293 -32.49 4.37 -13.26
N THR A 294 -33.70 3.92 -12.96
CA THR A 294 -34.52 3.11 -13.89
C THR A 294 -35.72 3.91 -14.43
N ASN A 295 -36.29 4.83 -13.64
CA ASN A 295 -37.47 5.66 -14.05
C ASN A 295 -37.34 6.16 -15.48
N ASP A 296 -36.22 6.79 -15.80
CA ASP A 296 -36.12 7.60 -17.03
C ASP A 296 -35.99 6.67 -18.23
N LEU A 297 -35.77 5.38 -18.03
CA LEU A 297 -35.56 4.44 -19.17
C LEU A 297 -36.88 3.97 -19.78
N GLN A 298 -38.04 4.30 -19.18
CA GLN A 298 -39.39 3.90 -19.66
C GLN A 298 -39.39 2.39 -19.89
N LEU A 299 -39.05 1.60 -18.87
CA LEU A 299 -38.82 0.14 -18.99
C LEU A 299 -40.16 -0.60 -19.12
N GLY A 300 -41.25 0.01 -18.65
CA GLY A 300 -42.63 -0.49 -18.83
C GLY A 300 -42.96 -0.72 -20.30
N ASN A 301 -42.41 0.11 -21.19
CA ASN A 301 -42.59 0.00 -22.67
C ASN A 301 -42.22 -1.40 -23.17
N VAL A 302 -41.21 -2.08 -22.60
CA VAL A 302 -40.76 -3.41 -23.10
C VAL A 302 -40.89 -4.49 -22.01
N GLY A 303 -41.28 -4.13 -20.78
CA GLY A 303 -41.50 -5.09 -19.69
C GLY A 303 -40.19 -5.68 -19.15
N VAL A 304 -39.22 -4.84 -18.81
CA VAL A 304 -38.01 -5.29 -18.06
C VAL A 304 -38.39 -5.45 -16.59
N LYS A 305 -38.07 -6.59 -15.98
CA LYS A 305 -38.48 -6.81 -14.56
C LYS A 305 -37.50 -6.07 -13.64
N LEU A 306 -38.06 -5.33 -12.67
CA LEU A 306 -37.35 -4.62 -11.57
C LEU A 306 -37.54 -5.40 -10.27
N THR A 307 -36.69 -5.11 -9.30
CA THR A 307 -36.65 -5.79 -7.97
C THR A 307 -37.61 -5.08 -7.04
N PRO A 308 -37.99 -5.73 -5.91
CA PRO A 308 -38.64 -5.02 -4.81
C PRO A 308 -38.16 -3.55 -4.75
N LYS A 309 -36.86 -3.32 -4.91
CA LYS A 309 -36.20 -2.03 -4.56
C LYS A 309 -36.03 -1.09 -5.78
N GLY A 310 -36.26 -1.55 -7.02
CA GLY A 310 -36.16 -0.70 -8.23
C GLY A 310 -34.94 -1.00 -9.10
N GLY A 311 -34.06 -1.91 -8.65
CA GLY A 311 -32.94 -2.43 -9.47
C GLY A 311 -33.44 -3.30 -10.61
N VAL A 312 -32.76 -3.25 -11.74
CA VAL A 312 -33.04 -4.17 -12.86
C VAL A 312 -32.67 -5.57 -12.37
N GLN A 313 -33.64 -6.49 -12.38
CA GLN A 313 -33.38 -7.92 -12.11
C GLN A 313 -32.47 -8.45 -13.20
N VAL A 314 -31.42 -9.18 -12.80
CA VAL A 314 -30.48 -9.82 -13.76
C VAL A 314 -30.18 -11.24 -13.29
N ASP A 315 -29.81 -12.08 -14.24
CA ASP A 315 -29.18 -13.39 -13.94
C ASP A 315 -27.67 -13.16 -13.78
N GLU A 316 -26.93 -14.24 -13.55
CA GLU A 316 -25.47 -14.21 -13.31
C GLU A 316 -24.73 -13.69 -14.54
N PHE A 317 -25.37 -13.73 -15.73
CA PHE A 317 -24.77 -13.26 -17.01
C PHE A 317 -25.28 -11.85 -17.38
N SER A 318 -25.90 -11.14 -16.43
CA SER A 318 -26.34 -9.73 -16.56
C SER A 318 -27.55 -9.65 -17.52
N ARG A 319 -28.23 -10.77 -17.76
CA ARG A 319 -29.40 -10.80 -18.69
C ARG A 319 -30.66 -10.44 -17.91
N THR A 320 -31.43 -9.53 -18.49
CA THR A 320 -32.80 -9.19 -18.03
C THR A 320 -33.73 -10.34 -18.46
N ASN A 321 -35.00 -10.20 -18.14
CA ASN A 321 -36.04 -11.15 -18.61
C ASN A 321 -36.25 -10.96 -20.11
N VAL A 322 -35.76 -9.88 -20.72
CA VAL A 322 -35.96 -9.58 -22.18
C VAL A 322 -34.70 -9.94 -22.93
N PRO A 323 -34.75 -10.92 -23.87
CA PRO A 323 -33.56 -11.29 -24.65
C PRO A 323 -32.93 -10.06 -25.34
N ASN A 324 -31.60 -10.06 -25.54
CA ASN A 324 -30.83 -8.92 -26.14
C ASN A 324 -30.72 -7.70 -25.21
N ILE A 325 -31.41 -7.66 -24.06
CA ILE A 325 -31.33 -6.52 -23.08
C ILE A 325 -30.62 -6.99 -21.80
N TYR A 326 -29.53 -6.31 -21.45
CA TYR A 326 -28.64 -6.61 -20.29
C TYR A 326 -28.60 -5.38 -19.39
N ALA A 327 -28.14 -5.57 -18.15
CA ALA A 327 -28.00 -4.51 -17.12
C ALA A 327 -26.80 -4.83 -16.24
N ILE A 328 -25.89 -3.87 -16.12
CA ILE A 328 -24.71 -3.97 -15.22
C ILE A 328 -24.66 -2.74 -14.32
N GLY A 329 -23.87 -2.88 -13.26
CA GLY A 329 -23.49 -1.75 -12.41
C GLY A 329 -24.61 -1.38 -11.48
N ASP A 330 -24.61 -0.14 -11.03
CA ASP A 330 -25.44 0.29 -9.88
C ASP A 330 -26.92 0.11 -10.24
N ILE A 331 -27.29 0.07 -11.52
CA ILE A 331 -28.74 -0.05 -11.87
C ILE A 331 -29.27 -1.39 -11.35
N THR A 332 -28.38 -2.36 -11.09
CA THR A 332 -28.78 -3.70 -10.60
C THR A 332 -28.94 -3.69 -9.08
N ASP A 333 -28.52 -2.60 -8.42
CA ASP A 333 -28.74 -2.36 -6.97
C ASP A 333 -28.16 -3.51 -6.14
N ARG A 334 -26.91 -3.86 -6.39
CA ARG A 334 -26.18 -4.87 -5.59
C ARG A 334 -24.97 -4.15 -4.95
N LEU A 335 -23.74 -4.59 -5.28
N LEU A 335 -23.74 -4.54 -5.32
CA LEU A 335 -22.48 -3.91 -4.90
CA LEU A 335 -22.51 -3.89 -4.79
C LEU A 335 -22.33 -2.68 -5.80
C LEU A 335 -22.16 -2.70 -5.70
N MET A 336 -22.48 -1.48 -5.24
CA MET A 336 -22.32 -0.25 -6.05
C MET A 336 -20.85 0.20 -6.00
N LEU A 337 -20.04 -0.42 -6.85
CA LEU A 337 -18.59 -0.13 -6.96
C LEU A 337 -18.24 -0.07 -8.44
N THR A 338 -17.31 0.80 -8.79
CA THR A 338 -16.89 1.02 -10.19
C THR A 338 -16.28 -0.27 -10.75
N PRO A 339 -15.28 -0.89 -10.08
CA PRO A 339 -14.63 -2.10 -10.59
C PRO A 339 -15.57 -3.30 -10.76
N VAL A 340 -16.67 -3.34 -10.02
CA VAL A 340 -17.69 -4.41 -10.20
C VAL A 340 -18.43 -4.13 -11.50
N ALA A 341 -18.89 -2.88 -11.71
CA ALA A 341 -19.53 -2.46 -12.97
C ALA A 341 -18.62 -2.83 -14.15
N ILE A 342 -17.33 -2.52 -14.05
CA ILE A 342 -16.36 -2.73 -15.16
C ILE A 342 -16.24 -4.25 -15.40
N ASN A 343 -16.06 -5.00 -14.33
CA ASN A 343 -15.95 -6.47 -14.39
C ASN A 343 -17.19 -7.05 -15.10
N GLU A 344 -18.39 -6.62 -14.72
CA GLU A 344 -19.64 -7.09 -15.33
C GLU A 344 -19.63 -6.78 -16.84
N GLY A 345 -19.32 -5.54 -17.20
CA GLY A 345 -19.27 -5.15 -18.63
C GLY A 345 -18.23 -5.94 -19.40
N ALA A 346 -17.02 -6.17 -18.85
CA ALA A 346 -15.96 -6.95 -19.53
C ALA A 346 -16.44 -8.42 -19.72
N ALA A 347 -17.14 -8.99 -18.73
CA ALA A 347 -17.64 -10.39 -18.76
C ALA A 347 -18.74 -10.50 -19.81
N LEU A 348 -19.68 -9.57 -19.79
CA LEU A 348 -20.86 -9.53 -20.68
C LEU A 348 -20.39 -9.55 -22.15
N VAL A 349 -19.41 -8.72 -22.49
CA VAL A 349 -18.90 -8.55 -23.88
C VAL A 349 -18.07 -9.77 -24.27
N ASP A 350 -17.22 -10.27 -23.36
CA ASP A 350 -16.40 -11.48 -23.61
C ASP A 350 -17.37 -12.65 -23.87
N THR A 351 -18.52 -12.65 -23.20
CA THR A 351 -19.54 -13.73 -23.31
C THR A 351 -20.25 -13.58 -24.65
N VAL A 352 -20.94 -12.46 -24.82
CA VAL A 352 -21.90 -12.23 -25.95
C VAL A 352 -21.17 -12.05 -27.29
N PHE A 353 -20.03 -11.35 -27.34
CA PHE A 353 -19.34 -11.03 -28.61
C PHE A 353 -18.07 -11.88 -28.72
N GLY A 354 -17.51 -12.26 -27.57
CA GLY A 354 -16.31 -13.11 -27.53
C GLY A 354 -16.66 -14.58 -27.66
N ASN A 355 -17.90 -14.96 -27.35
CA ASN A 355 -18.32 -16.38 -27.36
C ASN A 355 -17.49 -17.12 -26.33
N LYS A 356 -17.14 -16.45 -25.22
CA LYS A 356 -16.30 -17.02 -24.15
C LYS A 356 -17.03 -16.73 -22.85
N PRO A 357 -18.11 -17.47 -22.53
CA PRO A 357 -18.97 -17.06 -21.42
C PRO A 357 -18.17 -16.98 -20.12
N ARG A 358 -18.47 -15.93 -19.37
CA ARG A 358 -17.80 -15.58 -18.11
C ARG A 358 -18.80 -14.78 -17.27
N LYS A 359 -18.84 -15.07 -15.97
CA LYS A 359 -19.77 -14.44 -15.00
C LYS A 359 -18.93 -13.73 -13.93
N THR A 360 -19.39 -12.55 -13.53
CA THR A 360 -18.73 -11.75 -12.47
C THR A 360 -18.90 -12.52 -11.16
N ASP A 361 -17.81 -12.63 -10.40
CA ASP A 361 -17.85 -13.19 -9.04
C ASP A 361 -18.09 -12.04 -8.05
N HIS A 362 -19.22 -12.07 -7.34
CA HIS A 362 -19.67 -11.00 -6.40
C HIS A 362 -19.16 -11.32 -5.00
N THR A 363 -18.43 -12.42 -4.83
CA THR A 363 -17.77 -12.79 -3.55
C THR A 363 -16.33 -12.31 -3.59
N ARG A 364 -15.76 -12.04 -2.43
CA ARG A 364 -14.30 -11.84 -2.28
C ARG A 364 -13.90 -10.63 -3.12
N VAL A 365 -14.69 -9.58 -3.03
CA VAL A 365 -14.45 -8.33 -3.77
C VAL A 365 -13.65 -7.39 -2.85
N ALA A 366 -12.45 -7.02 -3.24
CA ALA A 366 -11.67 -6.03 -2.48
C ALA A 366 -12.36 -4.66 -2.59
N SER A 367 -12.46 -3.91 -1.50
CA SER A 367 -13.05 -2.55 -1.51
C SER A 367 -12.39 -1.72 -0.43
N ALA A 368 -12.67 -0.43 -0.44
CA ALA A 368 -12.00 0.51 0.47
C ALA A 368 -12.97 1.61 0.89
N VAL A 369 -12.64 2.19 2.02
CA VAL A 369 -13.21 3.47 2.51
C VAL A 369 -12.02 4.42 2.70
N PHE A 370 -12.04 5.53 1.99
CA PHE A 370 -11.00 6.57 2.10
C PHE A 370 -11.37 7.52 3.24
N SER A 371 -11.70 6.90 4.38
CA SER A 371 -11.64 7.51 5.72
C SER A 371 -10.18 7.86 6.00
N ILE A 372 -9.95 8.73 6.97
CA ILE A 372 -8.57 9.02 7.43
C ILE A 372 -8.47 8.52 8.86
N PRO A 373 -7.70 7.44 9.12
CA PRO A 373 -7.03 6.62 8.11
C PRO A 373 -8.04 5.70 7.41
N PRO A 374 -7.64 5.06 6.30
CA PRO A 374 -8.57 4.31 5.46
C PRO A 374 -8.75 2.83 5.82
N ILE A 375 -9.81 2.27 5.24
CA ILE A 375 -10.19 0.84 5.36
C ILE A 375 -9.87 0.16 4.04
N GLY A 376 -9.32 -1.04 4.10
CA GLY A 376 -9.20 -1.97 2.96
C GLY A 376 -9.75 -3.30 3.40
N THR A 377 -10.69 -3.87 2.65
CA THR A 377 -11.41 -5.10 3.05
C THR A 377 -11.64 -5.99 1.85
N CYS A 378 -11.67 -7.31 2.08
CA CYS A 378 -12.02 -8.29 1.04
C CYS A 378 -12.68 -9.48 1.73
N GLY A 379 -13.86 -9.85 1.29
CA GLY A 379 -14.57 -11.06 1.73
C GLY A 379 -15.34 -10.84 3.01
N LEU A 380 -15.55 -11.93 3.74
CA LEU A 380 -16.63 -11.98 4.75
C LEU A 380 -16.14 -11.38 6.05
N ILE A 381 -16.99 -10.58 6.68
CA ILE A 381 -16.83 -10.23 8.12
C ILE A 381 -17.17 -11.48 8.96
N GLU A 382 -16.59 -11.59 10.13
CA GLU A 382 -16.64 -12.80 10.98
C GLU A 382 -18.09 -13.14 11.32
N GLU A 383 -18.97 -12.15 11.52
CA GLU A 383 -20.38 -12.41 11.93
C GLU A 383 -21.06 -13.20 10.82
N VAL A 384 -20.79 -12.82 9.57
CA VAL A 384 -21.37 -13.50 8.38
C VAL A 384 -20.73 -14.89 8.25
N ALA A 385 -19.40 -15.00 8.30
CA ALA A 385 -18.68 -16.29 8.26
C ALA A 385 -19.29 -17.28 9.27
N ALA A 386 -19.56 -16.78 10.48
CA ALA A 386 -19.92 -17.59 11.68
C ALA A 386 -21.29 -18.24 11.46
N LYS A 387 -22.16 -17.66 10.62
CA LYS A 387 -23.50 -18.22 10.29
C LYS A 387 -23.39 -19.31 9.21
N GLU A 388 -22.30 -19.34 8.44
CA GLU A 388 -22.12 -20.26 7.27
C GLU A 388 -21.20 -21.43 7.62
N PHE A 389 -20.19 -21.20 8.46
CA PHE A 389 -19.12 -22.18 8.75
C PHE A 389 -19.22 -22.58 10.22
N GLU A 390 -19.15 -23.88 10.50
N GLU A 390 -19.13 -23.89 10.48
CA GLU A 390 -19.27 -24.43 11.88
CA GLU A 390 -19.24 -24.51 11.83
C GLU A 390 -18.13 -23.89 12.76
C GLU A 390 -18.13 -23.97 12.74
N LYS A 391 -16.92 -23.79 12.20
CA LYS A 391 -15.75 -23.28 12.95
C LYS A 391 -15.02 -22.20 12.15
N VAL A 392 -15.01 -21.00 12.70
CA VAL A 392 -14.36 -19.78 12.16
C VAL A 392 -13.23 -19.40 13.12
N ALA A 393 -12.05 -19.11 12.60
CA ALA A 393 -10.95 -18.50 13.37
C ALA A 393 -10.82 -17.04 12.94
N VAL A 394 -10.53 -16.20 13.92
CA VAL A 394 -10.16 -14.77 13.69
C VAL A 394 -8.76 -14.53 14.23
N TYR A 395 -7.87 -14.12 13.32
CA TYR A 395 -6.48 -13.70 13.59
C TYR A 395 -6.50 -12.18 13.57
N MET A 396 -5.94 -11.57 14.61
CA MET A 396 -6.10 -10.11 14.78
C MET A 396 -4.77 -9.55 15.29
N SER A 397 -4.28 -8.51 14.64
CA SER A 397 -3.15 -7.68 15.12
C SER A 397 -3.63 -6.22 15.10
N SER A 398 -3.42 -5.49 16.20
CA SER A 398 -3.88 -4.09 16.32
C SER A 398 -2.91 -3.36 17.22
N PHE A 399 -2.37 -2.27 16.73
CA PHE A 399 -1.36 -1.49 17.49
C PHE A 399 -1.24 -0.15 16.80
N THR A 400 -0.76 0.86 17.52
CA THR A 400 -0.33 2.11 16.89
C THR A 400 1.02 1.85 16.24
N PRO A 401 1.18 2.03 14.91
CA PRO A 401 2.50 1.89 14.30
C PRO A 401 3.46 2.88 14.96
N LEU A 402 4.72 2.48 15.03
CA LEU A 402 5.84 3.26 15.59
C LEU A 402 5.86 4.66 14.98
N MET A 403 5.68 4.79 13.66
CA MET A 403 5.73 6.14 13.06
C MET A 403 4.66 7.05 13.70
N HIS A 404 3.51 6.52 14.12
CA HIS A 404 2.43 7.37 14.68
C HIS A 404 2.61 7.62 16.17
N ASN A 405 3.44 6.83 16.85
CA ASN A 405 3.91 7.19 18.21
C ASN A 405 4.85 8.39 18.07
N ILE A 406 5.63 8.47 16.98
CA ILE A 406 6.51 9.65 16.75
C ILE A 406 5.70 10.83 16.20
N SER A 407 4.73 10.57 15.31
CA SER A 407 3.95 11.65 14.66
C SER A 407 3.09 12.40 15.68
N GLY A 408 2.71 11.76 16.80
CA GLY A 408 1.79 12.33 17.80
C GLY A 408 0.36 11.86 17.58
N SER A 409 0.08 11.11 16.49
CA SER A 409 -1.28 10.57 16.21
C SER A 409 -1.37 9.18 16.84
N LYS A 410 -1.29 9.08 18.19
CA LYS A 410 -1.19 7.75 18.85
C LYS A 410 -2.49 6.98 18.71
N TYR A 411 -3.59 7.69 18.41
CA TYR A 411 -4.94 7.15 18.21
C TYR A 411 -5.05 6.37 16.87
N LYS A 412 -4.07 6.49 15.97
CA LYS A 412 -4.07 5.77 14.66
C LYS A 412 -3.67 4.30 14.88
N LYS A 413 -4.55 3.53 15.49
CA LYS A 413 -4.35 2.07 15.65
C LYS A 413 -4.55 1.41 14.29
N PHE A 414 -3.56 0.67 13.85
CA PHE A 414 -3.58 -0.21 12.66
C PHE A 414 -4.31 -1.50 13.08
N VAL A 415 -5.32 -1.92 12.32
CA VAL A 415 -6.07 -3.17 12.58
C VAL A 415 -5.91 -4.07 11.37
N ALA A 416 -5.44 -5.30 11.59
CA ALA A 416 -5.36 -6.35 10.57
C ALA A 416 -6.11 -7.55 11.11
N LYS A 417 -7.18 -7.96 10.44
CA LYS A 417 -7.95 -9.18 10.83
C LYS A 417 -8.06 -10.12 9.65
N ILE A 418 -7.77 -11.38 9.91
CA ILE A 418 -8.00 -12.48 8.94
C ILE A 418 -9.03 -13.41 9.55
N VAL A 419 -10.07 -13.69 8.77
CA VAL A 419 -11.19 -14.60 9.11
C VAL A 419 -11.02 -15.86 8.30
N THR A 420 -10.95 -17.03 8.93
CA THR A 420 -10.81 -18.31 8.21
C THR A 420 -11.95 -19.27 8.51
N ASN A 421 -12.17 -20.18 7.58
CA ASN A 421 -12.81 -21.48 7.88
C ASN A 421 -11.76 -22.29 8.63
N HIS A 422 -11.94 -22.47 9.92
CA HIS A 422 -10.91 -23.15 10.75
C HIS A 422 -10.79 -24.63 10.38
N SER A 423 -11.79 -25.23 9.72
CA SER A 423 -11.72 -26.67 9.30
C SER A 423 -10.60 -26.91 8.27
N ASP A 424 -10.33 -25.99 7.33
CA ASP A 424 -9.27 -26.20 6.32
C ASP A 424 -8.30 -25.02 6.26
N GLY A 425 -8.54 -23.95 7.04
CA GLY A 425 -7.67 -22.76 7.06
C GLY A 425 -7.95 -21.77 5.94
N THR A 426 -8.96 -22.03 5.10
CA THR A 426 -9.29 -21.14 3.94
C THR A 426 -9.58 -19.71 4.45
N VAL A 427 -8.98 -18.71 3.84
CA VAL A 427 -9.24 -17.29 4.22
C VAL A 427 -10.59 -16.87 3.66
N LEU A 428 -11.50 -16.49 4.54
CA LEU A 428 -12.85 -16.07 4.16
C LEU A 428 -12.89 -14.54 4.04
N GLY A 429 -12.05 -13.83 4.77
CA GLY A 429 -12.00 -12.36 4.65
C GLY A 429 -10.81 -11.77 5.35
N VAL A 430 -10.47 -10.55 4.95
CA VAL A 430 -9.27 -9.82 5.42
C VAL A 430 -9.74 -8.38 5.54
N HIS A 431 -9.51 -7.78 6.71
CA HIS A 431 -10.09 -6.47 7.12
C HIS A 431 -8.93 -5.64 7.67
N LEU A 432 -8.66 -4.47 7.07
CA LEU A 432 -7.49 -3.64 7.43
C LEU A 432 -7.99 -2.22 7.70
N LEU A 433 -7.47 -1.62 8.75
CA LEU A 433 -7.65 -0.17 9.01
C LEU A 433 -6.26 0.41 9.24
N GLY A 434 -5.90 1.43 8.46
CA GLY A 434 -4.66 2.16 8.63
C GLY A 434 -4.11 2.65 7.32
N ASP A 435 -3.09 3.51 7.41
CA ASP A 435 -2.42 4.12 6.24
C ASP A 435 -2.04 2.98 5.28
N GLY A 436 -2.44 3.10 4.01
CA GLY A 436 -2.07 2.13 2.96
C GLY A 436 -3.01 0.92 2.84
N ALA A 437 -4.04 0.80 3.69
CA ALA A 437 -4.98 -0.36 3.73
C ALA A 437 -5.54 -0.61 2.32
N PRO A 438 -6.04 0.41 1.56
CA PRO A 438 -6.61 0.17 0.23
C PRO A 438 -5.58 -0.40 -0.76
N GLU A 439 -4.31 0.02 -0.65
CA GLU A 439 -3.20 -0.49 -1.48
C GLU A 439 -2.86 -1.92 -1.05
N ILE A 440 -2.79 -2.18 0.26
CA ILE A 440 -2.43 -3.54 0.76
C ILE A 440 -3.47 -4.55 0.27
N ILE A 441 -4.76 -4.17 0.29
CA ILE A 441 -5.84 -5.17 0.14
C ILE A 441 -5.90 -5.70 -1.31
N GLN A 442 -5.41 -4.98 -2.32
CA GLN A 442 -5.72 -5.38 -3.71
C GLN A 442 -5.22 -6.80 -3.97
N ALA A 443 -3.97 -7.10 -3.68
CA ALA A 443 -3.38 -8.42 -4.01
C ALA A 443 -3.95 -9.48 -3.05
N VAL A 444 -4.51 -9.07 -1.90
CA VAL A 444 -5.34 -9.98 -1.06
C VAL A 444 -6.56 -10.46 -1.85
N GLY A 445 -7.19 -9.61 -2.65
CA GLY A 445 -8.29 -10.06 -3.52
C GLY A 445 -7.84 -11.20 -4.43
N VAL A 446 -6.63 -11.09 -4.97
CA VAL A 446 -6.09 -12.18 -5.84
C VAL A 446 -5.88 -13.43 -4.97
N CYS A 447 -5.37 -13.28 -3.75
CA CYS A 447 -5.10 -14.42 -2.83
C CYS A 447 -6.41 -15.16 -2.58
N LEU A 448 -7.50 -14.44 -2.33
CA LEU A 448 -8.79 -15.08 -2.02
C LEU A 448 -9.37 -15.80 -3.26
N ARG A 449 -9.20 -15.22 -4.45
N ARG A 449 -9.19 -15.21 -4.45
CA ARG A 449 -9.60 -15.88 -5.72
CA ARG A 449 -9.59 -15.86 -5.72
C ARG A 449 -8.91 -17.25 -5.79
C ARG A 449 -8.91 -17.24 -5.80
N LEU A 450 -7.65 -17.31 -5.36
CA LEU A 450 -6.85 -18.57 -5.36
C LEU A 450 -7.07 -19.42 -4.10
N ASN A 451 -8.05 -19.12 -3.27
CA ASN A 451 -8.39 -19.99 -2.11
C ASN A 451 -7.18 -20.08 -1.18
N ALA A 452 -6.46 -18.98 -1.01
CA ALA A 452 -5.34 -18.90 -0.05
C ALA A 452 -5.84 -19.36 1.32
N LYS A 453 -5.00 -20.12 2.03
CA LYS A 453 -5.24 -20.47 3.46
C LYS A 453 -4.39 -19.55 4.32
N ILE A 454 -4.65 -19.50 5.62
CA ILE A 454 -3.86 -18.72 6.60
C ILE A 454 -2.39 -19.14 6.47
N SER A 455 -2.11 -20.43 6.22
CA SER A 455 -0.72 -20.93 6.16
C SER A 455 -0.02 -20.38 4.90
N ASP A 456 -0.76 -20.09 3.83
CA ASP A 456 -0.17 -19.40 2.66
C ASP A 456 0.30 -17.98 3.04
N PHE A 457 -0.47 -17.26 3.86
CA PHE A 457 -0.02 -15.94 4.38
C PHE A 457 1.17 -16.14 5.32
N TYR A 458 1.07 -17.03 6.32
CA TYR A 458 2.11 -17.03 7.39
C TYR A 458 3.39 -17.64 6.83
N ASN A 459 3.34 -18.51 5.79
CA ASN A 459 4.60 -19.07 5.21
C ASN A 459 5.21 -18.13 4.16
N THR A 460 4.55 -17.04 3.80
CA THR A 460 5.15 -16.08 2.84
C THR A 460 6.07 -15.16 3.63
N ILE A 461 7.23 -14.83 3.11
CA ILE A 461 8.21 -13.98 3.82
C ILE A 461 7.73 -12.51 3.79
N GLY A 462 7.83 -11.85 4.95
CA GLY A 462 7.40 -10.45 5.08
C GLY A 462 8.31 -9.51 4.31
N VAL A 463 7.74 -8.41 3.84
CA VAL A 463 8.48 -7.19 3.42
C VAL A 463 8.55 -6.27 4.63
N HIS A 464 9.75 -5.90 5.01
CA HIS A 464 9.98 -5.18 6.29
C HIS A 464 10.76 -3.91 6.02
N PRO A 465 10.43 -2.78 6.70
CA PRO A 465 9.22 -2.63 7.51
C PRO A 465 8.03 -2.10 6.70
N THR A 466 6.89 -2.76 6.84
CA THR A 466 5.57 -2.37 6.28
C THR A 466 4.49 -2.69 7.31
N SER A 467 3.33 -2.10 7.14
CA SER A 467 2.09 -2.56 7.80
C SER A 467 1.65 -3.91 7.22
N ALA A 468 1.81 -4.10 5.90
CA ALA A 468 1.32 -5.27 5.13
C ALA A 468 1.88 -6.57 5.73
N GLU A 469 3.14 -6.55 6.21
CA GLU A 469 3.81 -7.77 6.73
C GLU A 469 3.09 -8.33 7.94
N GLU A 470 2.26 -7.54 8.64
CA GLU A 470 1.43 -8.08 9.74
C GLU A 470 0.61 -9.27 9.23
N LEU A 471 0.10 -9.19 7.99
CA LEU A 471 -0.73 -10.27 7.38
C LEU A 471 0.04 -11.58 7.27
N CYS A 472 1.38 -11.53 7.29
CA CYS A 472 2.25 -12.72 7.13
C CYS A 472 2.87 -13.18 8.46
N SER A 473 2.44 -12.61 9.59
CA SER A 473 3.01 -12.89 10.93
C SER A 473 1.95 -13.52 11.86
N MET A 474 0.78 -13.88 11.34
CA MET A 474 -0.35 -14.32 12.20
C MET A 474 -0.52 -15.83 12.03
N ARG A 475 -0.16 -16.55 13.09
CA ARG A 475 -0.04 -18.03 13.10
C ARG A 475 -1.11 -18.65 14.00
N THR A 476 -1.58 -17.88 14.98
CA THR A 476 -2.43 -18.35 16.09
C THR A 476 -3.71 -17.52 16.13
N PRO A 477 -4.90 -18.17 16.04
CA PRO A 477 -6.17 -17.46 16.23
C PRO A 477 -6.20 -16.66 17.52
N SER A 478 -6.79 -15.47 17.48
CA SER A 478 -7.10 -14.64 18.66
C SER A 478 -8.37 -15.18 19.31
N TYR A 479 -9.31 -15.67 18.51
CA TYR A 479 -10.56 -16.27 19.01
C TYR A 479 -11.25 -16.96 17.85
N TYR A 480 -12.39 -17.59 18.15
CA TYR A 480 -13.12 -18.50 17.24
C TYR A 480 -14.60 -18.17 17.30
N TYR A 481 -15.32 -18.67 16.31
CA TYR A 481 -16.79 -18.89 16.39
C TYR A 481 -17.02 -20.38 16.19
N VAL A 482 -17.73 -21.02 17.13
CA VAL A 482 -18.10 -22.46 17.04
C VAL A 482 -19.62 -22.53 17.02
N LYS A 483 -20.17 -23.02 15.91
CA LYS A 483 -21.61 -23.00 15.57
C LYS A 483 -22.20 -21.65 15.94
N GLY A 484 -21.53 -20.55 15.56
CA GLY A 484 -22.06 -19.19 15.70
C GLY A 484 -21.69 -18.53 17.01
N GLU A 485 -21.08 -19.28 17.94
CA GLU A 485 -20.79 -18.81 19.32
C GLU A 485 -19.33 -18.36 19.40
N LYS A 486 -19.13 -17.12 19.84
CA LYS A 486 -17.77 -16.56 20.04
C LYS A 486 -17.16 -17.21 21.28
N MET A 487 -15.91 -17.67 21.18
CA MET A 487 -15.14 -18.20 22.34
C MET A 487 -13.65 -17.98 22.06
N GLU A 488 -12.88 -17.75 23.11
CA GLU A 488 -11.42 -17.54 23.07
C GLU A 488 -10.73 -18.82 22.59
N LYS A 489 -11.21 -19.97 23.03
CA LYS A 489 -10.52 -21.27 22.84
C LYS A 489 -11.53 -22.27 22.27
N LEU A 490 -11.05 -23.18 21.44
CA LEU A 490 -11.86 -24.30 20.90
C LEU A 490 -12.19 -25.28 22.02
N PRO A 491 -13.38 -25.93 21.97
CA PRO A 491 -13.60 -27.22 22.64
C PRO A 491 -12.71 -28.33 22.08
N LYS B 6 29.21 -22.91 31.79
CA LYS B 6 27.74 -23.14 31.79
C LYS B 6 27.35 -23.90 30.52
N ALA B 7 26.39 -24.82 30.62
CA ALA B 7 26.01 -25.75 29.53
C ALA B 7 24.66 -25.34 28.92
N PHE B 8 24.52 -25.40 27.60
CA PHE B 8 23.28 -24.98 26.88
C PHE B 8 22.99 -25.99 25.78
N ASP B 9 21.71 -26.19 25.44
CA ASP B 9 21.31 -26.97 24.26
C ASP B 9 21.80 -26.21 23.03
N LEU B 10 21.66 -24.88 23.06
CA LEU B 10 21.94 -23.99 21.90
C LEU B 10 22.67 -22.74 22.37
N VAL B 11 23.76 -22.42 21.72
CA VAL B 11 24.37 -21.10 21.91
C VAL B 11 24.28 -20.35 20.60
N VAL B 12 23.71 -19.14 20.68
CA VAL B 12 23.55 -18.27 19.50
C VAL B 12 24.53 -17.12 19.61
N ILE B 13 25.39 -16.98 18.59
CA ILE B 13 26.29 -15.79 18.54
C ILE B 13 25.67 -14.77 17.59
N GLY B 14 25.21 -13.66 18.17
CA GLY B 14 24.52 -12.57 17.47
C GLY B 14 23.07 -12.51 17.85
N ALA B 15 22.69 -11.48 18.60
CA ALA B 15 21.33 -11.27 19.11
C ALA B 15 20.57 -10.40 18.10
N GLY B 16 20.54 -10.89 16.85
CA GLY B 16 19.98 -10.12 15.73
C GLY B 16 18.68 -10.70 15.21
N SER B 17 18.31 -10.27 14.01
CA SER B 17 17.00 -10.68 13.42
C SER B 17 16.91 -12.20 13.49
N GLY B 18 17.93 -12.88 12.98
CA GLY B 18 17.87 -14.35 12.85
C GLY B 18 18.16 -15.04 14.17
N GLY B 19 19.18 -14.57 14.86
CA GLY B 19 19.61 -15.14 16.15
C GLY B 19 18.50 -15.09 17.19
N LEU B 20 17.76 -13.98 17.25
CA LEU B 20 16.68 -13.85 18.24
C LEU B 20 15.49 -14.73 17.87
N GLU B 21 15.13 -14.84 16.58
CA GLU B 21 14.06 -15.77 16.15
C GLU B 21 14.47 -17.20 16.55
N ALA B 22 15.68 -17.63 16.25
CA ALA B 22 16.14 -19.01 16.54
C ALA B 22 16.15 -19.25 18.06
N GLY B 23 16.72 -18.33 18.82
CA GLY B 23 16.90 -18.47 20.28
C GLY B 23 15.56 -18.56 20.98
N TRP B 24 14.67 -17.64 20.63
CA TRP B 24 13.31 -17.55 21.21
C TRP B 24 12.51 -18.81 20.85
N ASN B 25 12.53 -19.22 19.59
CA ASN B 25 11.81 -20.44 19.14
C ASN B 25 12.35 -21.66 19.88
N ALA B 26 13.68 -21.78 19.97
CA ALA B 26 14.29 -22.98 20.56
C ALA B 26 13.94 -23.01 22.05
N ALA B 27 13.94 -21.87 22.74
CA ALA B 27 13.64 -21.77 24.19
C ALA B 27 12.15 -22.03 24.45
N THR B 28 11.27 -21.40 23.68
CA THR B 28 9.82 -21.30 24.00
C THR B 28 9.08 -22.42 23.27
N LEU B 29 9.36 -22.71 22.00
CA LEU B 29 8.58 -23.74 21.27
C LEU B 29 9.13 -25.11 21.61
N TYR B 30 10.44 -25.22 21.86
CA TYR B 30 11.06 -26.57 21.99
C TYR B 30 11.64 -26.79 23.37
N GLY B 31 11.47 -25.85 24.30
CA GLY B 31 11.87 -26.01 25.72
C GLY B 31 13.36 -26.22 25.88
N LYS B 32 14.18 -25.64 25.00
CA LYS B 32 15.65 -25.82 25.06
C LYS B 32 16.25 -24.73 25.96
N ARG B 33 17.38 -25.05 26.59
CA ARG B 33 18.19 -24.07 27.36
C ARG B 33 19.10 -23.34 26.36
N VAL B 34 18.90 -22.03 26.23
CA VAL B 34 19.45 -21.23 25.11
C VAL B 34 20.25 -20.07 25.68
N ALA B 35 21.47 -19.88 25.17
CA ALA B 35 22.32 -18.69 25.43
C ALA B 35 22.36 -17.86 24.15
N VAL B 36 22.33 -16.54 24.27
CA VAL B 36 22.49 -15.62 23.12
C VAL B 36 23.54 -14.60 23.50
N VAL B 37 24.49 -14.36 22.60
CA VAL B 37 25.64 -13.43 22.82
C VAL B 37 25.53 -12.24 21.87
N ASP B 38 25.72 -11.04 22.39
CA ASP B 38 25.90 -9.81 21.58
C ASP B 38 26.84 -8.88 22.32
N VAL B 39 27.34 -7.90 21.59
CA VAL B 39 28.51 -7.09 21.99
C VAL B 39 28.06 -5.82 22.70
N GLN B 40 26.76 -5.49 22.61
CA GLN B 40 26.19 -4.25 23.21
C GLN B 40 24.72 -4.49 23.52
N THR B 41 24.18 -3.84 24.55
CA THR B 41 22.78 -4.01 24.99
C THR B 41 21.90 -2.93 24.37
N SER B 42 22.49 -1.88 23.85
CA SER B 42 21.71 -0.81 23.19
C SER B 42 22.53 -0.21 22.06
N HIS B 43 21.83 0.50 21.19
CA HIS B 43 22.27 1.00 19.88
C HIS B 43 23.44 1.97 20.00
N GLY B 44 24.26 1.98 18.97
CA GLY B 44 25.11 3.12 18.63
C GLY B 44 26.58 2.85 18.93
N PRO B 45 27.41 3.89 18.80
CA PRO B 45 28.86 3.73 18.98
C PRO B 45 29.15 3.15 20.36
N PRO B 46 30.23 2.35 20.51
CA PRO B 46 31.17 2.08 19.42
C PRO B 46 30.88 0.94 18.41
N PHE B 47 30.03 -0.04 18.69
CA PHE B 47 29.86 -1.24 17.80
C PHE B 47 28.57 -1.18 16.95
N TYR B 48 27.70 -0.19 17.20
CA TYR B 48 26.54 0.22 16.36
C TYR B 48 25.40 -0.79 16.45
N ALA B 49 25.54 -1.99 15.87
CA ALA B 49 24.61 -3.09 16.14
C ALA B 49 24.73 -3.49 17.61
N ALA B 50 23.71 -4.18 18.10
CA ALA B 50 23.51 -4.45 19.53
C ALA B 50 22.37 -5.42 19.63
N LEU B 51 21.99 -5.76 20.84
CA LEU B 51 20.77 -6.51 21.14
C LEU B 51 19.68 -6.01 20.19
N GLY B 52 19.12 -6.92 19.40
CA GLY B 52 18.09 -6.59 18.40
C GLY B 52 18.62 -6.72 17.00
N GLY B 53 19.94 -6.58 16.81
CA GLY B 53 20.60 -6.76 15.50
C GLY B 53 20.76 -5.46 14.72
N THR B 54 21.22 -5.60 13.48
CA THR B 54 21.52 -4.49 12.56
C THR B 54 20.23 -3.76 12.18
N CYS B 55 19.18 -4.49 11.91
CA CYS B 55 17.92 -3.93 11.38
C CYS B 55 17.33 -2.99 12.44
N VAL B 56 17.22 -3.51 13.67
CA VAL B 56 16.70 -2.74 14.83
C VAL B 56 17.55 -1.48 15.01
N ASN B 57 18.87 -1.65 15.11
CA ASN B 57 19.75 -0.62 15.70
C ASN B 57 20.24 0.34 14.62
N VAL B 58 20.68 -0.17 13.47
CA VAL B 58 21.32 0.68 12.42
C VAL B 58 20.89 0.17 11.05
N GLY B 59 19.60 -0.08 10.86
CA GLY B 59 19.11 -0.64 9.60
C GLY B 59 17.67 -0.31 9.36
N CYS B 60 16.87 -1.35 9.05
CA CYS B 60 15.48 -1.18 8.52
C CYS B 60 14.69 -0.21 9.42
N VAL B 61 14.71 -0.45 10.72
CA VAL B 61 13.83 0.28 11.67
C VAL B 61 14.16 1.76 11.64
N PRO B 62 15.39 2.20 12.02
CA PRO B 62 15.68 3.63 12.02
C PRO B 62 15.66 4.25 10.63
N LYS B 63 16.08 3.52 9.59
CA LYS B 63 16.15 4.12 8.23
C LYS B 63 14.71 4.42 7.79
N LYS B 64 13.77 3.55 8.12
CA LYS B 64 12.35 3.74 7.66
C LYS B 64 11.76 4.97 8.34
N LEU B 65 12.05 5.17 9.62
CA LEU B 65 11.64 6.38 10.35
C LEU B 65 12.24 7.60 9.66
N MET B 66 13.50 7.53 9.26
CA MET B 66 14.18 8.70 8.66
C MET B 66 13.63 8.97 7.28
N VAL B 67 13.31 7.94 6.50
CA VAL B 67 12.76 8.17 5.15
C VAL B 67 11.37 8.78 5.35
N THR B 68 10.63 8.31 6.34
CA THR B 68 9.27 8.86 6.61
C THR B 68 9.44 10.37 6.84
N GLY B 69 10.40 10.73 7.67
CA GLY B 69 10.80 12.12 7.92
C GLY B 69 11.08 12.89 6.64
N ALA B 70 11.93 12.33 5.78
CA ALA B 70 12.36 12.92 4.49
C ALA B 70 11.12 13.14 3.63
N GLN B 71 10.15 12.21 3.66
CA GLN B 71 8.96 12.31 2.78
C GLN B 71 8.21 13.62 3.06
N TYR B 72 8.27 14.16 4.28
CA TYR B 72 7.53 15.42 4.58
C TYR B 72 8.00 16.60 3.70
N MET B 73 9.22 16.60 3.23
CA MET B 73 9.67 17.68 2.33
C MET B 73 8.75 17.66 1.10
N ASP B 74 8.44 16.48 0.59
CA ASP B 74 7.56 16.34 -0.59
C ASP B 74 6.14 16.69 -0.15
N HIS B 75 5.68 16.18 1.00
CA HIS B 75 4.26 16.42 1.41
C HIS B 75 4.03 17.94 1.55
N LEU B 76 4.94 18.65 2.22
CA LEU B 76 4.81 20.11 2.43
C LEU B 76 4.69 20.81 1.08
N ARG B 77 5.56 20.48 0.12
CA ARG B 77 5.54 21.12 -1.22
C ARG B 77 4.25 20.74 -1.96
N GLU B 78 3.92 19.44 -1.98
CA GLU B 78 2.80 18.87 -2.72
C GLU B 78 1.47 19.40 -2.18
N SER B 79 1.39 19.75 -0.90
CA SER B 79 0.14 20.20 -0.24
C SER B 79 -0.39 21.43 -0.97
N ALA B 80 0.47 22.21 -1.60
CA ALA B 80 0.06 23.48 -2.20
C ALA B 80 -0.93 23.21 -3.32
N GLY B 81 -0.72 22.16 -4.12
CA GLY B 81 -1.61 21.89 -5.27
C GLY B 81 -3.04 21.62 -4.82
N PHE B 82 -3.20 21.16 -3.57
CA PHE B 82 -4.49 20.80 -2.94
C PHE B 82 -5.03 21.96 -2.09
N GLY B 83 -4.41 23.14 -2.22
CA GLY B 83 -4.88 24.41 -1.65
C GLY B 83 -4.25 24.75 -0.33
N TRP B 84 -3.28 23.98 0.18
CA TRP B 84 -2.64 24.30 1.47
C TRP B 84 -1.70 25.49 1.25
N GLU B 85 -1.74 26.41 2.19
CA GLU B 85 -0.94 27.66 2.20
C GLU B 85 -0.28 27.74 3.57
N PHE B 86 0.99 28.10 3.57
CA PHE B 86 1.67 28.48 4.83
C PHE B 86 2.94 29.21 4.42
N ASP B 87 3.65 29.72 5.42
CA ASP B 87 4.83 30.56 5.20
C ASP B 87 6.00 29.62 4.89
N GLY B 88 6.30 29.43 3.60
CA GLY B 88 7.38 28.55 3.15
C GLY B 88 8.73 28.97 3.72
N SER B 89 8.93 30.26 3.96
CA SER B 89 10.22 30.79 4.47
C SER B 89 10.37 30.39 5.94
N SER B 90 9.30 29.94 6.62
CA SER B 90 9.40 29.50 8.03
C SER B 90 9.82 28.02 8.12
N VAL B 91 10.00 27.32 7.00
CA VAL B 91 10.13 25.84 7.02
C VAL B 91 11.58 25.47 7.32
N LYS B 92 11.79 24.65 8.34
CA LYS B 92 13.11 24.09 8.73
C LYS B 92 12.95 22.59 8.95
N ALA B 93 13.89 21.82 8.44
CA ALA B 93 14.01 20.36 8.69
C ALA B 93 14.97 20.18 9.86
N ASN B 94 14.45 19.90 11.04
CA ASN B 94 15.31 19.80 12.24
C ASN B 94 15.76 18.35 12.40
N TRP B 95 16.93 18.06 11.85
CA TRP B 95 17.61 16.75 11.90
C TRP B 95 17.80 16.32 13.35
N LYS B 96 18.13 17.25 14.24
CA LYS B 96 18.44 16.89 15.65
C LYS B 96 17.22 16.19 16.23
N LYS B 97 16.04 16.75 15.94
CA LYS B 97 14.76 16.20 16.42
C LYS B 97 14.51 14.81 15.82
N LEU B 98 14.73 14.67 14.51
CA LEU B 98 14.61 13.35 13.85
C LEU B 98 15.52 12.34 14.57
N ILE B 99 16.79 12.69 14.76
CA ILE B 99 17.77 11.72 15.32
C ILE B 99 17.33 11.37 16.75
N ALA B 100 16.90 12.37 17.52
CA ALA B 100 16.50 12.12 18.93
C ALA B 100 15.29 11.19 18.93
N ALA B 101 14.32 11.40 18.03
CA ALA B 101 13.09 10.58 17.93
C ALA B 101 13.46 9.14 17.57
N LYS B 102 14.34 8.97 16.60
CA LYS B 102 14.85 7.65 16.17
C LYS B 102 15.57 6.94 17.34
N ASN B 103 16.45 7.65 18.04
CA ASN B 103 17.26 7.12 19.16
C ASN B 103 16.34 6.55 20.24
N GLU B 104 15.27 7.27 20.55
CA GLU B 104 14.31 6.84 21.56
C GLU B 104 13.60 5.58 21.10
N ALA B 105 13.13 5.56 19.85
CA ALA B 105 12.41 4.41 19.29
C ALA B 105 13.32 3.16 19.33
N VAL B 106 14.57 3.32 18.90
CA VAL B 106 15.55 2.20 18.91
C VAL B 106 15.84 1.76 20.34
N LEU B 107 16.12 2.70 21.24
CA LEU B 107 16.36 2.37 22.67
C LEU B 107 15.17 1.60 23.27
N ASP B 108 13.93 1.99 22.97
CA ASP B 108 12.74 1.28 23.50
C ASP B 108 12.75 -0.18 23.03
N ILE B 109 13.12 -0.41 21.78
CA ILE B 109 13.25 -1.79 21.25
C ILE B 109 14.38 -2.51 21.99
N ASN B 110 15.53 -1.86 22.14
CA ASN B 110 16.66 -2.45 22.93
C ASN B 110 16.12 -2.91 24.29
N LYS B 111 15.41 -2.02 24.98
CA LYS B 111 14.86 -2.28 26.34
C LYS B 111 13.86 -3.42 26.31
N SER B 112 13.01 -3.49 25.28
CA SER B 112 11.98 -4.55 25.20
C SER B 112 12.69 -5.92 25.04
N TYR B 113 13.77 -6.00 24.26
CA TYR B 113 14.55 -7.27 24.13
C TYR B 113 15.26 -7.59 25.44
N GLU B 114 15.82 -6.59 26.10
CA GLU B 114 16.38 -6.80 27.47
C GLU B 114 15.30 -7.43 28.37
N GLY B 115 14.08 -6.92 28.33
CA GLY B 115 12.98 -7.42 29.17
C GLY B 115 12.61 -8.82 28.78
N MET B 116 12.59 -9.14 27.48
CA MET B 116 12.34 -10.50 26.93
C MET B 116 13.34 -11.50 27.57
N PHE B 117 14.62 -11.17 27.62
CA PHE B 117 15.65 -12.08 28.22
C PHE B 117 15.40 -12.22 29.72
N ASN B 118 15.15 -11.11 30.40
CA ASN B 118 14.89 -11.11 31.86
C ASN B 118 13.70 -12.00 32.19
N ASP B 119 12.64 -11.96 31.39
CA ASP B 119 11.32 -12.61 31.68
C ASP B 119 11.18 -13.99 31.04
N THR B 120 12.09 -14.44 30.18
CA THR B 120 11.97 -15.75 29.48
C THR B 120 12.96 -16.73 30.12
N GLU B 121 12.44 -17.68 30.89
CA GLU B 121 13.30 -18.65 31.60
C GLU B 121 13.90 -19.53 30.51
N GLY B 122 15.14 -19.97 30.69
CA GLY B 122 15.78 -20.88 29.71
C GLY B 122 16.32 -20.11 28.52
N LEU B 123 16.22 -18.78 28.52
CA LEU B 123 16.78 -17.91 27.47
C LEU B 123 17.64 -16.81 28.12
N ASP B 124 18.96 -16.91 27.96
CA ASP B 124 19.92 -16.11 28.75
C ASP B 124 20.77 -15.32 27.76
N PHE B 125 21.00 -14.07 28.08
CA PHE B 125 21.81 -13.13 27.28
C PHE B 125 23.17 -13.00 27.94
N PHE B 126 24.22 -13.09 27.14
CA PHE B 126 25.61 -12.81 27.58
C PHE B 126 26.15 -11.65 26.78
N LEU B 127 26.68 -10.67 27.50
CA LEU B 127 27.35 -9.50 26.88
C LEU B 127 28.83 -9.78 26.61
N GLY B 128 29.28 -9.44 25.41
CA GLY B 128 30.68 -9.60 24.99
C GLY B 128 30.80 -10.20 23.61
N TRP B 129 32.02 -10.58 23.26
CA TRP B 129 32.40 -11.07 21.92
C TRP B 129 32.46 -12.60 21.93
N GLY B 130 31.53 -13.23 21.20
CA GLY B 130 31.46 -14.70 21.03
C GLY B 130 32.46 -15.16 19.99
N SER B 131 33.16 -16.25 20.27
CA SER B 131 34.01 -16.96 19.28
C SER B 131 33.99 -18.44 19.62
N LEU B 132 34.49 -19.27 18.70
CA LEU B 132 34.49 -20.72 18.88
C LEU B 132 35.83 -21.13 19.51
N GLU B 133 35.77 -21.74 20.70
CA GLU B 133 36.97 -22.35 21.33
C GLU B 133 37.13 -23.75 20.75
N SER B 134 36.03 -24.50 20.70
CA SER B 134 35.95 -25.90 20.19
C SER B 134 34.53 -26.12 19.65
N LYS B 135 34.26 -27.30 19.07
CA LYS B 135 33.02 -27.52 18.28
C LYS B 135 31.81 -27.49 19.21
N ASN B 136 32.03 -27.58 20.54
CA ASN B 136 30.97 -27.56 21.58
C ASN B 136 31.32 -26.52 22.65
N VAL B 137 32.18 -25.55 22.35
CA VAL B 137 32.45 -24.48 23.35
C VAL B 137 32.49 -23.11 22.67
N VAL B 138 31.57 -22.24 23.09
CA VAL B 138 31.66 -20.80 22.75
C VAL B 138 32.29 -20.05 23.90
N VAL B 139 33.31 -19.26 23.60
CA VAL B 139 33.94 -18.35 24.59
C VAL B 139 33.45 -16.94 24.30
N VAL B 140 33.11 -16.21 25.38
CA VAL B 140 32.68 -14.78 25.35
C VAL B 140 33.79 -13.98 26.00
N ARG B 141 34.35 -13.05 25.25
CA ARG B 141 35.50 -12.26 25.72
C ARG B 141 35.12 -10.80 25.81
N GLU B 142 35.97 -10.05 26.50
CA GLU B 142 35.78 -8.61 26.73
C GLU B 142 35.70 -7.83 25.42
N THR B 143 36.51 -8.17 24.42
CA THR B 143 36.67 -7.41 23.15
C THR B 143 36.81 -8.39 22.00
N ALA B 144 36.87 -7.88 20.78
CA ALA B 144 37.04 -8.65 19.52
C ALA B 144 38.44 -9.29 19.48
N ASP B 145 39.41 -8.72 20.19
CA ASP B 145 40.78 -9.29 20.29
C ASP B 145 40.69 -10.61 21.05
N PRO B 146 41.08 -11.75 20.45
CA PRO B 146 40.97 -13.05 21.13
C PRO B 146 41.89 -13.22 22.37
N LYS B 147 42.78 -12.26 22.62
CA LYS B 147 43.66 -12.21 23.82
C LYS B 147 42.98 -11.44 24.96
N SER B 148 41.82 -10.80 24.71
CA SER B 148 41.03 -10.10 25.76
C SER B 148 40.48 -11.11 26.78
N ALA B 149 40.06 -10.64 27.95
CA ALA B 149 39.64 -11.45 29.09
C ALA B 149 38.41 -12.33 28.77
N VAL B 150 38.42 -13.56 29.25
CA VAL B 150 37.26 -14.49 29.14
C VAL B 150 36.23 -14.03 30.18
N LYS B 151 35.00 -13.74 29.74
CA LYS B 151 33.84 -13.48 30.62
C LYS B 151 33.08 -14.78 30.82
N GLU B 152 32.95 -15.61 29.78
CA GLU B 152 32.17 -16.86 29.87
C GLU B 152 32.80 -17.93 28.98
N ARG B 153 32.63 -19.18 29.40
CA ARG B 153 32.81 -20.34 28.52
C ARG B 153 31.51 -21.13 28.55
N LEU B 154 30.87 -21.24 27.38
CA LEU B 154 29.52 -21.83 27.21
C LEU B 154 29.68 -23.17 26.50
N GLN B 155 29.37 -24.24 27.20
CA GLN B 155 29.24 -25.60 26.63
C GLN B 155 27.93 -25.59 25.84
N ALA B 156 28.00 -26.02 24.59
CA ALA B 156 26.89 -26.00 23.62
C ALA B 156 26.78 -27.36 22.94
N ASP B 157 25.61 -28.03 23.05
CA ASP B 157 25.31 -29.19 22.17
C ASP B 157 25.30 -28.65 20.74
N HIS B 158 24.71 -27.47 20.55
CA HIS B 158 24.45 -26.87 19.21
C HIS B 158 24.90 -25.41 19.24
N ILE B 159 25.57 -24.94 18.19
CA ILE B 159 26.05 -23.53 18.04
C ILE B 159 25.46 -22.93 16.74
N LEU B 160 24.84 -21.75 16.83
CA LEU B 160 24.30 -21.00 15.66
C LEU B 160 25.10 -19.73 15.51
N LEU B 161 25.69 -19.57 14.34
CA LEU B 161 26.46 -18.37 13.94
C LEU B 161 25.46 -17.42 13.27
N ALA B 162 25.31 -16.22 13.84
CA ALA B 162 24.25 -15.27 13.39
C ALA B 162 24.76 -13.85 13.64
N THR B 163 26.01 -13.58 13.22
CA THR B 163 26.75 -12.32 13.50
C THR B 163 26.51 -11.26 12.42
N GLY B 164 25.69 -11.58 11.42
CA GLY B 164 25.28 -10.62 10.39
C GLY B 164 26.46 -10.16 9.53
N SER B 165 26.33 -8.94 9.01
CA SER B 165 27.27 -8.37 8.03
C SER B 165 27.78 -7.04 8.57
N TRP B 166 28.63 -6.38 7.79
CA TRP B 166 29.36 -5.17 8.22
C TRP B 166 29.70 -4.37 6.98
N PRO B 167 29.76 -3.01 7.03
CA PRO B 167 29.96 -2.24 5.83
C PRO B 167 31.35 -2.52 5.25
N GLN B 168 31.43 -2.53 3.92
CA GLN B 168 32.69 -2.65 3.15
C GLN B 168 33.24 -1.26 2.93
N MET B 169 34.52 -1.04 3.25
CA MET B 169 35.20 0.26 3.03
C MET B 169 36.31 0.00 2.02
N PRO B 170 36.33 0.69 0.87
CA PRO B 170 37.37 0.45 -0.12
C PRO B 170 38.71 0.99 0.42
N ALA B 171 39.80 0.26 0.19
CA ALA B 171 41.17 0.65 0.60
C ALA B 171 41.64 1.74 -0.37
N ILE B 172 41.18 2.96 -0.15
CA ILE B 172 41.60 4.17 -0.94
C ILE B 172 42.28 5.11 0.04
N PRO B 173 43.19 6.00 -0.46
CA PRO B 173 43.75 7.04 0.38
C PRO B 173 42.63 7.94 0.93
N GLY B 174 42.64 8.13 2.26
CA GLY B 174 41.71 9.00 2.98
C GLY B 174 40.41 8.29 3.37
N ILE B 175 40.40 6.95 3.30
CA ILE B 175 39.22 6.14 3.71
C ILE B 175 38.81 6.54 5.15
N GLU B 176 39.79 6.92 5.98
CA GLU B 176 39.57 7.34 7.39
C GLU B 176 38.67 8.60 7.46
N HIS B 177 38.56 9.38 6.38
CA HIS B 177 37.76 10.64 6.33
C HIS B 177 36.32 10.34 5.88
N CYS B 178 36.01 9.07 5.62
CA CYS B 178 34.68 8.61 5.14
C CYS B 178 33.95 7.87 6.26
N ILE B 179 32.65 7.78 6.13
CA ILE B 179 31.81 7.03 7.10
C ILE B 179 31.04 5.96 6.34
N SER B 180 30.34 5.12 7.07
CA SER B 180 29.41 4.12 6.54
C SER B 180 27.99 4.48 7.02
N SER B 181 27.02 3.64 6.72
CA SER B 181 25.64 3.90 7.16
C SER B 181 25.63 3.96 8.71
N ASN B 182 26.50 3.20 9.36
CA ASN B 182 26.55 3.10 10.84
C ASN B 182 26.65 4.52 11.40
N GLU B 183 27.62 5.31 10.93
CA GLU B 183 27.91 6.66 11.46
C GLU B 183 26.81 7.63 11.00
N ALA B 184 26.23 7.40 9.83
CA ALA B 184 25.21 8.29 9.25
C ALA B 184 24.01 8.41 10.21
N PHE B 185 23.70 7.35 10.92
CA PHE B 185 22.60 7.28 11.92
C PHE B 185 22.90 8.17 13.12
N TYR B 186 24.12 8.70 13.27
CA TYR B 186 24.53 9.42 14.50
C TYR B 186 25.13 10.79 14.19
N LEU B 187 25.09 11.22 12.94
CA LEU B 187 25.62 12.55 12.58
C LEU B 187 24.88 13.58 13.42
N PRO B 188 25.58 14.47 14.15
CA PRO B 188 24.88 15.39 15.05
C PRO B 188 24.14 16.50 14.31
N GLU B 189 24.64 16.85 13.12
CA GLU B 189 24.12 17.90 12.23
C GLU B 189 23.93 17.29 10.84
N PRO B 190 22.89 17.74 10.11
CA PRO B 190 22.61 17.24 8.77
C PRO B 190 23.65 17.84 7.85
N PRO B 191 24.35 17.04 7.03
CA PRO B 191 25.36 17.59 6.14
C PRO B 191 24.74 18.48 5.08
N ARG B 192 25.39 19.63 4.83
CA ARG B 192 25.03 20.58 3.75
C ARG B 192 25.31 19.92 2.38
N ARG B 193 26.49 19.33 2.26
CA ARG B 193 26.95 18.60 1.05
C ARG B 193 27.30 17.18 1.47
N VAL B 194 26.75 16.22 0.75
CA VAL B 194 27.05 14.80 1.06
C VAL B 194 27.17 14.04 -0.25
N LEU B 195 28.19 13.22 -0.30
CA LEU B 195 28.36 12.18 -1.34
C LEU B 195 27.98 10.84 -0.72
N THR B 196 26.99 10.18 -1.30
CA THR B 196 26.70 8.76 -1.04
C THR B 196 27.39 7.98 -2.15
N VAL B 197 28.20 7.01 -1.77
CA VAL B 197 28.96 6.15 -2.72
C VAL B 197 28.31 4.78 -2.77
N GLY B 198 27.78 4.44 -3.94
CA GLY B 198 27.11 3.15 -4.20
C GLY B 198 25.80 3.39 -4.91
N GLY B 199 25.33 2.38 -5.62
CA GLY B 199 24.08 2.42 -6.39
C GLY B 199 23.04 1.48 -5.82
N GLY B 200 23.31 0.93 -4.63
CA GLY B 200 22.41 0.00 -3.93
C GLY B 200 21.37 0.74 -3.08
N PHE B 201 20.50 -0.01 -2.44
CA PHE B 201 19.37 0.56 -1.66
C PHE B 201 19.87 1.49 -0.57
N ILE B 202 20.98 1.15 0.09
CA ILE B 202 21.44 1.96 1.26
C ILE B 202 21.84 3.34 0.76
N SER B 203 22.70 3.42 -0.27
CA SER B 203 23.07 4.68 -0.92
C SER B 203 21.83 5.48 -1.37
N VAL B 204 20.91 4.86 -2.05
CA VAL B 204 19.75 5.56 -2.64
C VAL B 204 18.86 6.04 -1.49
N GLU B 205 18.68 5.22 -0.44
CA GLU B 205 17.76 5.56 0.65
C GLU B 205 18.34 6.75 1.43
N PHE B 206 19.61 6.68 1.80
CA PHE B 206 20.33 7.78 2.49
C PHE B 206 20.42 9.00 1.59
N ALA B 207 20.52 8.88 0.27
CA ALA B 207 20.54 10.09 -0.58
C ALA B 207 19.23 10.85 -0.36
N GLY B 208 18.11 10.12 -0.32
CA GLY B 208 16.81 10.78 -0.16
C GLY B 208 16.68 11.38 1.23
N ILE B 209 17.18 10.68 2.26
CA ILE B 209 17.14 11.18 3.67
C ILE B 209 17.89 12.51 3.75
N PHE B 210 19.17 12.52 3.34
CA PHE B 210 20.02 13.73 3.39
C PHE B 210 19.47 14.84 2.51
N ASN B 211 18.85 14.50 1.38
CA ASN B 211 18.28 15.52 0.47
C ASN B 211 17.16 16.30 1.18
N ALA B 212 16.37 15.64 2.03
CA ALA B 212 15.24 16.33 2.70
C ALA B 212 15.75 17.20 3.85
N TYR B 213 16.77 16.76 4.60
CA TYR B 213 17.20 17.42 5.86
C TYR B 213 18.36 18.38 5.60
N LYS B 214 18.84 18.46 4.36
CA LYS B 214 20.04 19.30 4.13
C LYS B 214 19.69 20.76 4.44
N PRO B 215 20.64 21.49 5.05
CA PRO B 215 20.45 22.91 5.33
C PRO B 215 20.37 23.67 4.02
N PRO B 216 19.87 24.93 4.04
CA PRO B 216 19.76 25.74 2.83
C PRO B 216 21.04 25.80 2.02
N GLY B 217 20.88 25.77 0.69
CA GLY B 217 21.99 25.76 -0.28
C GLY B 217 22.74 24.44 -0.27
N GLY B 218 22.18 23.39 0.32
CA GLY B 218 22.88 22.10 0.40
C GLY B 218 22.77 21.33 -0.90
N LYS B 219 23.49 20.22 -0.99
CA LYS B 219 23.48 19.41 -2.22
C LYS B 219 23.84 17.96 -1.90
N VAL B 220 23.00 17.03 -2.36
CA VAL B 220 23.27 15.56 -2.24
C VAL B 220 23.68 15.05 -3.61
N THR B 221 24.84 14.39 -3.62
CA THR B 221 25.38 13.66 -4.79
C THR B 221 25.48 12.18 -4.45
N LEU B 222 25.03 11.35 -5.38
CA LEU B 222 25.19 9.87 -5.33
C LEU B 222 26.10 9.49 -6.49
N CYS B 223 27.12 8.68 -6.23
CA CYS B 223 28.04 8.22 -7.27
C CYS B 223 27.98 6.69 -7.31
N TYR B 224 28.09 6.18 -8.52
CA TYR B 224 28.04 4.74 -8.78
C TYR B 224 28.95 4.41 -9.95
N ARG B 225 29.71 3.33 -9.83
CA ARG B 225 30.71 2.92 -10.85
C ARG B 225 30.00 2.49 -12.13
N ASN B 226 28.86 1.82 -12.02
CA ASN B 226 28.22 1.24 -13.23
C ASN B 226 27.33 2.34 -13.82
N ASN B 227 26.67 1.99 -14.93
CA ASN B 227 25.97 2.94 -15.80
C ASN B 227 24.58 3.30 -15.23
N LEU B 228 24.00 2.46 -14.39
CA LEU B 228 22.58 2.63 -13.96
C LEU B 228 22.44 2.06 -12.56
N ILE B 229 21.95 2.88 -11.63
CA ILE B 229 21.81 2.50 -10.20
C ILE B 229 20.89 1.29 -10.07
N LEU B 230 20.95 0.64 -8.90
CA LEU B 230 20.02 -0.40 -8.43
C LEU B 230 20.03 -1.64 -9.34
N ARG B 231 21.21 -2.15 -9.65
N ARG B 231 21.22 -2.17 -9.61
CA ARG B 231 21.33 -3.50 -10.27
CA ARG B 231 21.43 -3.53 -10.17
C ARG B 231 20.55 -4.51 -9.44
C ARG B 231 20.55 -4.53 -9.40
N GLY B 232 19.86 -5.43 -10.13
CA GLY B 232 19.07 -6.49 -9.51
C GLY B 232 17.59 -6.15 -9.54
N PHE B 233 17.29 -4.88 -9.72
CA PHE B 233 15.91 -4.37 -9.85
C PHE B 233 15.55 -4.27 -11.33
N ASP B 234 14.26 -4.17 -11.56
CA ASP B 234 13.65 -3.99 -12.89
C ASP B 234 14.28 -2.78 -13.57
N GLU B 235 14.64 -2.92 -14.86
CA GLU B 235 15.44 -1.87 -15.53
C GLU B 235 14.60 -0.61 -15.75
N THR B 236 13.30 -0.73 -16.02
CA THR B 236 12.44 0.47 -16.20
C THR B 236 12.46 1.24 -14.88
N ILE B 237 12.30 0.52 -13.78
CA ILE B 237 12.28 1.13 -12.42
C ILE B 237 13.64 1.74 -12.13
N ARG B 238 14.75 1.11 -12.51
CA ARG B 238 16.10 1.70 -12.30
C ARG B 238 16.18 3.05 -13.00
N GLU B 239 15.66 3.12 -14.22
CA GLU B 239 15.73 4.36 -15.04
C GLU B 239 14.84 5.42 -14.40
N GLU B 240 13.63 5.03 -13.98
CA GLU B 240 12.64 6.00 -13.44
C GLU B 240 13.10 6.52 -12.08
N VAL B 241 13.63 5.63 -11.23
CA VAL B 241 14.08 6.09 -9.89
C VAL B 241 15.22 7.09 -10.13
N THR B 242 16.15 6.79 -11.06
CA THR B 242 17.23 7.74 -11.41
C THR B 242 16.64 9.11 -11.76
N LYS B 243 15.64 9.17 -12.62
CA LYS B 243 15.00 10.45 -13.03
C LYS B 243 14.30 11.12 -11.84
N GLN B 244 13.66 10.35 -10.96
CA GLN B 244 12.82 10.95 -9.91
C GLN B 244 13.73 11.46 -8.80
N LEU B 245 14.87 10.82 -8.54
CA LEU B 245 15.86 11.38 -7.60
C LEU B 245 16.40 12.70 -8.17
N THR B 246 16.76 12.70 -9.45
CA THR B 246 17.27 13.92 -10.15
C THR B 246 16.24 15.04 -10.03
N ALA B 247 14.96 14.74 -10.31
CA ALA B 247 13.89 15.76 -10.33
C ALA B 247 13.77 16.39 -8.95
N ASN B 248 14.14 15.67 -7.88
CA ASN B 248 14.05 16.15 -6.48
C ASN B 248 15.39 16.74 -5.99
N GLY B 249 16.32 17.00 -6.91
CA GLY B 249 17.53 17.80 -6.62
C GLY B 249 18.75 16.99 -6.28
N ILE B 250 18.71 15.66 -6.44
CA ILE B 250 19.89 14.79 -6.18
C ILE B 250 20.70 14.62 -7.47
N GLU B 251 22.02 14.84 -7.40
CA GLU B 251 22.94 14.70 -8.56
C GLU B 251 23.39 13.23 -8.59
N ILE B 252 23.06 12.54 -9.66
CA ILE B 252 23.40 11.10 -9.83
C ILE B 252 24.64 11.07 -10.73
N MET B 253 25.77 10.66 -10.18
CA MET B 253 27.05 10.51 -10.91
C MET B 253 27.28 9.03 -11.20
N THR B 254 26.80 8.52 -12.32
CA THR B 254 27.07 7.11 -12.73
C THR B 254 28.39 7.07 -13.50
N ASN B 255 28.99 5.89 -13.60
CA ASN B 255 30.33 5.66 -14.20
C ASN B 255 31.40 6.43 -13.45
N GLU B 256 31.24 6.59 -12.12
CA GLU B 256 32.13 7.43 -11.28
C GLU B 256 32.41 6.71 -9.97
N ASN B 257 33.64 6.81 -9.47
CA ASN B 257 34.05 6.14 -8.23
C ASN B 257 35.15 6.97 -7.57
N PRO B 258 35.12 7.18 -6.22
CA PRO B 258 36.20 7.91 -5.55
C PRO B 258 37.54 7.16 -5.69
N ALA B 259 38.60 7.91 -5.98
CA ALA B 259 40.00 7.45 -6.04
C ALA B 259 40.68 7.74 -4.70
N LYS B 260 40.37 8.88 -4.09
CA LYS B 260 40.92 9.29 -2.78
C LYS B 260 40.11 10.45 -2.18
N VAL B 261 40.30 10.63 -0.88
CA VAL B 261 39.72 11.74 -0.10
C VAL B 261 40.85 12.35 0.73
N SER B 262 40.97 13.67 0.69
CA SER B 262 41.83 14.49 1.57
C SER B 262 40.92 15.51 2.27
N LEU B 263 41.37 16.08 3.40
CA LEU B 263 40.67 17.21 4.07
C LEU B 263 41.13 18.55 3.46
N ASN B 264 40.19 19.35 2.97
CA ASN B 264 40.35 20.82 2.78
C ASN B 264 40.72 21.47 4.11
N THR B 265 41.22 22.71 4.09
CA THR B 265 41.79 23.40 5.27
C THR B 265 40.66 23.67 6.28
N ASP B 266 39.40 23.82 5.83
CA ASP B 266 38.20 24.04 6.70
C ASP B 266 37.65 22.72 7.26
N GLY B 267 38.27 21.56 6.99
CA GLY B 267 37.84 20.26 7.51
C GLY B 267 36.82 19.54 6.63
N SER B 268 36.31 20.18 5.56
CA SER B 268 35.44 19.54 4.56
C SER B 268 36.26 18.51 3.77
N LYS B 269 35.57 17.61 3.07
CA LYS B 269 36.22 16.48 2.34
C LYS B 269 36.38 16.84 0.86
N HIS B 270 37.60 16.73 0.36
CA HIS B 270 37.94 16.97 -1.05
C HIS B 270 37.97 15.60 -1.73
N VAL B 271 37.03 15.36 -2.63
CA VAL B 271 36.90 14.02 -3.25
C VAL B 271 37.48 14.12 -4.65
N THR B 272 38.41 13.22 -4.96
CA THR B 272 38.93 13.00 -6.33
C THR B 272 38.38 11.67 -6.84
N PHE B 273 37.62 11.74 -7.93
CA PHE B 273 37.06 10.56 -8.62
C PHE B 273 38.13 9.99 -9.55
N GLU B 274 37.95 8.74 -9.97
CA GLU B 274 38.86 8.05 -10.91
C GLU B 274 38.88 8.81 -12.24
N SER B 275 37.81 9.54 -12.54
CA SER B 275 37.63 10.35 -13.78
C SER B 275 38.40 11.69 -13.70
N GLY B 276 38.90 12.07 -12.51
CA GLY B 276 39.54 13.37 -12.27
C GLY B 276 38.55 14.47 -11.95
N LYS B 277 37.24 14.19 -11.98
CA LYS B 277 36.25 15.12 -11.37
C LYS B 277 36.62 15.26 -9.88
N THR B 278 36.29 16.41 -9.29
CA THR B 278 36.46 16.68 -7.85
C THR B 278 35.11 17.15 -7.29
N LEU B 279 34.92 16.92 -6.01
CA LEU B 279 33.70 17.33 -5.28
C LEU B 279 34.14 17.63 -3.87
N ASP B 280 33.75 18.81 -3.37
CA ASP B 280 33.96 19.12 -1.93
C ASP B 280 32.65 18.81 -1.22
N VAL B 281 32.69 17.99 -0.17
CA VAL B 281 31.46 17.66 0.62
C VAL B 281 31.80 17.73 2.09
N ASP B 282 30.76 17.71 2.94
CA ASP B 282 30.89 17.70 4.42
C ASP B 282 30.95 16.25 4.87
N VAL B 283 30.31 15.34 4.12
CA VAL B 283 30.29 13.90 4.49
C VAL B 283 30.46 13.05 3.23
N VAL B 284 31.22 11.98 3.37
CA VAL B 284 31.37 10.90 2.36
C VAL B 284 30.86 9.63 3.00
N MET B 285 29.69 9.17 2.54
CA MET B 285 29.10 7.94 3.11
C MET B 285 29.30 6.81 2.10
N MET B 286 30.17 5.87 2.47
CA MET B 286 30.40 4.64 1.69
C MET B 286 29.26 3.64 1.94
N ALA B 287 28.57 3.27 0.87
CA ALA B 287 27.53 2.20 0.86
C ALA B 287 27.77 1.31 -0.35
N ILE B 288 28.96 0.71 -0.42
CA ILE B 288 29.40 -0.09 -1.61
C ILE B 288 29.22 -1.59 -1.38
N GLY B 289 28.82 -2.02 -0.19
CA GLY B 289 28.69 -3.48 0.05
C GLY B 289 28.68 -3.81 1.52
N ARG B 290 28.12 -4.95 1.84
CA ARG B 290 28.16 -5.46 3.21
C ARG B 290 28.84 -6.83 3.17
N ILE B 291 29.76 -7.08 4.10
CA ILE B 291 30.52 -8.35 4.12
C ILE B 291 30.18 -9.12 5.40
N PRO B 292 30.02 -10.46 5.30
CA PRO B 292 29.71 -11.31 6.45
C PRO B 292 30.72 -11.09 7.59
N ARG B 293 30.26 -11.09 8.84
CA ARG B 293 31.17 -10.83 9.99
C ARG B 293 31.67 -12.14 10.59
N THR B 294 32.78 -12.65 10.06
CA THR B 294 33.33 -13.99 10.40
C THR B 294 34.72 -13.87 11.06
N ASN B 295 35.43 -12.77 10.86
CA ASN B 295 36.79 -12.54 11.44
C ASN B 295 36.85 -12.93 12.92
N ASP B 296 35.93 -12.37 13.70
CA ASP B 296 36.04 -12.33 15.17
C ASP B 296 35.66 -13.69 15.73
N LEU B 297 35.08 -14.56 14.90
CA LEU B 297 34.51 -15.82 15.38
C LEU B 297 35.60 -16.88 15.59
N GLN B 298 36.85 -16.63 15.16
CA GLN B 298 37.97 -17.62 15.30
C GLN B 298 37.53 -18.99 14.80
N LEU B 299 36.88 -19.05 13.64
CA LEU B 299 36.30 -20.27 13.07
C LEU B 299 37.43 -21.27 12.74
N GLY B 300 38.66 -20.80 12.53
CA GLY B 300 39.84 -21.68 12.42
C GLY B 300 40.01 -22.59 13.64
N ASN B 301 39.40 -22.31 14.78
CA ASN B 301 39.50 -23.21 15.96
C ASN B 301 38.69 -24.48 15.75
N VAL B 302 37.75 -24.49 14.80
CA VAL B 302 36.85 -25.66 14.62
C VAL B 302 36.82 -26.12 13.17
N GLY B 303 37.36 -25.34 12.22
CA GLY B 303 37.44 -25.74 10.81
C GLY B 303 36.12 -25.60 10.07
N VAL B 304 35.31 -24.61 10.44
CA VAL B 304 34.06 -24.27 9.70
C VAL B 304 34.44 -23.73 8.33
N LYS B 305 33.83 -24.25 7.29
CA LYS B 305 34.18 -23.85 5.92
C LYS B 305 33.59 -22.48 5.59
N LEU B 306 34.46 -21.55 5.18
CA LEU B 306 34.09 -20.20 4.64
C LEU B 306 34.22 -20.18 3.12
N THR B 307 33.76 -19.10 2.51
CA THR B 307 34.06 -18.74 1.10
C THR B 307 35.26 -17.80 1.14
N PRO B 308 36.03 -17.62 0.03
CA PRO B 308 37.06 -16.58 -0.02
C PRO B 308 36.50 -15.18 0.34
N LYS B 309 35.24 -14.92 -0.04
CA LYS B 309 34.35 -13.79 0.40
C LYS B 309 34.27 -13.62 1.94
N GLY B 310 34.29 -14.71 2.71
CA GLY B 310 34.28 -14.71 4.18
C GLY B 310 32.91 -15.10 4.75
N GLY B 311 31.95 -15.51 3.93
CA GLY B 311 30.65 -16.02 4.39
C GLY B 311 30.77 -17.44 4.89
N VAL B 312 29.87 -17.85 5.76
CA VAL B 312 29.82 -19.26 6.19
C VAL B 312 29.07 -20.06 5.15
N GLN B 313 29.72 -21.08 4.60
CA GLN B 313 29.05 -21.97 3.65
C GLN B 313 28.00 -22.79 4.40
N VAL B 314 26.81 -22.94 3.83
CA VAL B 314 25.74 -23.78 4.42
C VAL B 314 25.03 -24.58 3.34
N ASP B 315 24.46 -25.70 3.73
CA ASP B 315 23.48 -26.46 2.91
C ASP B 315 22.14 -25.69 2.96
N GLU B 316 21.09 -26.27 2.39
CA GLU B 316 19.75 -25.61 2.30
C GLU B 316 19.09 -25.58 3.69
N PHE B 317 19.60 -26.37 4.64
CA PHE B 317 19.09 -26.41 6.03
C PHE B 317 19.97 -25.55 6.93
N SER B 318 20.87 -24.70 6.41
CA SER B 318 21.73 -23.78 7.22
C SER B 318 22.75 -24.55 8.09
N ARG B 319 23.14 -25.75 7.65
CA ARG B 319 24.19 -26.59 8.32
C ARG B 319 25.56 -26.30 7.69
N THR B 320 26.55 -26.07 8.53
CA THR B 320 27.97 -25.92 8.11
C THR B 320 28.51 -27.33 7.89
N ASN B 321 29.77 -27.43 7.50
CA ASN B 321 30.51 -28.71 7.34
C ASN B 321 30.73 -29.33 8.72
N VAL B 322 30.55 -28.58 9.81
CA VAL B 322 30.78 -29.13 11.18
C VAL B 322 29.43 -29.50 11.78
N PRO B 323 29.22 -30.78 12.15
CA PRO B 323 27.98 -31.19 12.81
C PRO B 323 27.67 -30.32 14.05
N ASN B 324 26.41 -30.00 14.29
CA ASN B 324 25.96 -29.22 15.48
C ASN B 324 26.38 -27.76 15.37
N ILE B 325 26.97 -27.29 14.26
CA ILE B 325 27.24 -25.83 14.05
C ILE B 325 26.54 -25.38 12.77
N TYR B 326 25.75 -24.32 12.89
CA TYR B 326 24.79 -23.84 11.87
C TYR B 326 25.04 -22.35 11.67
N ALA B 327 24.60 -21.80 10.54
CA ALA B 327 24.73 -20.36 10.28
C ALA B 327 23.49 -19.87 9.53
N ILE B 328 22.96 -18.72 9.93
CA ILE B 328 21.74 -18.15 9.29
C ILE B 328 21.99 -16.65 9.10
N GLY B 329 21.22 -16.04 8.22
CA GLY B 329 21.21 -14.58 8.04
C GLY B 329 22.36 -14.13 7.21
N ASP B 330 22.77 -12.89 7.41
CA ASP B 330 23.69 -12.20 6.49
C ASP B 330 25.03 -12.93 6.49
N ILE B 331 25.43 -13.57 7.59
CA ILE B 331 26.75 -14.27 7.66
C ILE B 331 26.86 -15.31 6.53
N THR B 332 25.73 -15.77 5.98
CA THR B 332 25.67 -16.81 4.90
C THR B 332 25.73 -16.16 3.52
N ASP B 333 25.66 -14.82 3.44
CA ASP B 333 25.75 -14.05 2.18
C ASP B 333 24.74 -14.57 1.13
N ARG B 334 23.59 -15.09 1.52
CA ARG B 334 22.51 -15.42 0.53
C ARG B 334 21.72 -14.13 0.29
N LEU B 335 20.50 -14.00 0.83
CA LEU B 335 19.67 -12.77 0.74
C LEU B 335 19.78 -11.97 2.05
N MET B 336 20.32 -10.77 2.00
CA MET B 336 20.54 -9.97 3.23
C MET B 336 19.30 -9.12 3.52
N LEU B 337 18.28 -9.76 4.06
CA LEU B 337 16.99 -9.16 4.47
C LEU B 337 16.64 -9.71 5.84
N THR B 338 16.08 -8.87 6.71
CA THR B 338 15.66 -9.28 8.06
C THR B 338 14.69 -10.45 7.98
N PRO B 339 13.61 -10.38 7.18
CA PRO B 339 12.60 -11.44 7.21
C PRO B 339 13.14 -12.78 6.72
N VAL B 340 14.15 -12.74 5.87
CA VAL B 340 14.86 -13.97 5.42
C VAL B 340 15.70 -14.54 6.56
N ALA B 341 16.53 -13.73 7.21
CA ALA B 341 17.27 -14.15 8.43
C ALA B 341 16.31 -14.79 9.42
N ILE B 342 15.16 -14.14 9.64
CA ILE B 342 14.17 -14.65 10.62
C ILE B 342 13.66 -16.02 10.12
N ASN B 343 13.31 -16.12 8.84
CA ASN B 343 12.76 -17.37 8.26
C ASN B 343 13.81 -18.47 8.41
N GLU B 344 15.07 -18.16 8.14
CA GLU B 344 16.18 -19.15 8.22
C GLU B 344 16.31 -19.65 9.68
N GLY B 345 16.26 -18.74 10.66
CA GLY B 345 16.35 -19.11 12.10
C GLY B 345 15.23 -20.05 12.53
N ALA B 346 14.01 -19.72 12.12
CA ALA B 346 12.80 -20.52 12.45
C ALA B 346 12.93 -21.89 11.80
N ALA B 347 13.34 -21.95 10.52
CA ALA B 347 13.42 -23.22 9.76
C ALA B 347 14.54 -24.08 10.37
N LEU B 348 15.65 -23.45 10.77
CA LEU B 348 16.77 -24.22 11.36
C LEU B 348 16.29 -24.89 12.65
N VAL B 349 15.66 -24.12 13.52
CA VAL B 349 15.25 -24.62 14.86
C VAL B 349 14.17 -25.70 14.69
N ASP B 350 13.24 -25.51 13.76
CA ASP B 350 12.20 -26.55 13.50
C ASP B 350 12.92 -27.84 13.09
N THR B 351 13.91 -27.72 12.22
CA THR B 351 14.65 -28.85 11.61
C THR B 351 15.44 -29.59 12.69
N VAL B 352 16.21 -28.86 13.50
CA VAL B 352 17.16 -29.48 14.45
C VAL B 352 16.40 -29.91 15.70
N PHE B 353 15.62 -29.02 16.28
CA PHE B 353 14.99 -29.33 17.59
C PHE B 353 13.59 -29.90 17.43
N GLY B 354 12.88 -29.61 16.34
CA GLY B 354 11.52 -30.15 16.18
C GLY B 354 11.50 -31.42 15.35
N ASN B 355 12.61 -31.75 14.67
CA ASN B 355 12.64 -32.80 13.63
C ASN B 355 11.47 -32.54 12.65
N LYS B 356 11.36 -31.29 12.22
CA LYS B 356 10.30 -30.82 11.29
C LYS B 356 11.06 -30.20 10.13
N PRO B 357 11.59 -31.03 9.23
CA PRO B 357 12.59 -30.58 8.27
C PRO B 357 11.95 -29.50 7.39
N ARG B 358 12.66 -28.38 7.28
CA ARG B 358 12.17 -27.13 6.65
C ARG B 358 13.36 -26.31 6.16
N LYS B 359 13.29 -25.84 4.93
CA LYS B 359 14.35 -25.02 4.34
C LYS B 359 13.72 -23.73 3.81
N THR B 360 14.45 -22.64 3.94
CA THR B 360 13.93 -21.33 3.53
C THR B 360 13.92 -21.29 2.00
N ASP B 361 12.81 -20.82 1.42
CA ASP B 361 12.73 -20.54 -0.03
C ASP B 361 13.22 -19.11 -0.23
N HIS B 362 14.36 -18.94 -0.89
CA HIS B 362 14.96 -17.61 -1.18
C HIS B 362 14.45 -17.10 -2.54
N THR B 363 13.49 -17.78 -3.14
CA THR B 363 12.83 -17.31 -4.40
C THR B 363 11.56 -16.58 -4.00
N ARG B 364 11.15 -15.61 -4.82
CA ARG B 364 9.78 -15.02 -4.76
C ARG B 364 9.61 -14.32 -3.40
N VAL B 365 10.70 -13.71 -2.96
CA VAL B 365 10.78 -12.95 -1.69
C VAL B 365 10.40 -11.52 -2.04
N ALA B 366 9.30 -11.03 -1.48
CA ALA B 366 8.89 -9.63 -1.58
C ALA B 366 9.94 -8.76 -0.88
N SER B 367 10.35 -7.66 -1.49
CA SER B 367 11.29 -6.72 -0.86
C SER B 367 10.96 -5.30 -1.31
N ALA B 368 11.65 -4.35 -0.73
CA ALA B 368 11.34 -2.94 -0.98
C ALA B 368 12.63 -2.13 -0.97
N VAL B 369 12.57 -0.99 -1.64
CA VAL B 369 13.56 0.09 -1.50
C VAL B 369 12.76 1.32 -1.08
N PHE B 370 13.12 1.91 0.06
CA PHE B 370 12.46 3.14 0.55
C PHE B 370 13.18 4.33 -0.04
N SER B 371 13.26 4.32 -1.37
CA SER B 371 13.51 5.54 -2.13
C SER B 371 12.26 6.41 -2.06
N ILE B 372 12.38 7.61 -2.57
CA ILE B 372 11.26 8.57 -2.67
C ILE B 372 11.13 8.90 -4.16
N PRO B 373 10.10 8.34 -4.83
CA PRO B 373 9.19 7.35 -4.25
C PRO B 373 9.76 5.94 -4.21
N PRO B 374 9.10 5.02 -3.48
CA PRO B 374 9.68 3.71 -3.18
C PRO B 374 9.45 2.63 -4.24
N ILE B 375 10.16 1.52 -4.07
CA ILE B 375 10.09 0.31 -4.92
C ILE B 375 9.51 -0.82 -4.09
N GLY B 376 8.62 -1.59 -4.70
CA GLY B 376 8.23 -2.90 -4.15
C GLY B 376 8.43 -3.92 -5.23
N THR B 377 8.99 -5.08 -4.90
CA THR B 377 9.28 -6.10 -5.93
C THR B 377 9.18 -7.50 -5.34
N CYS B 378 8.85 -8.48 -6.18
CA CYS B 378 8.81 -9.90 -5.80
C CYS B 378 9.10 -10.75 -7.05
N GLY B 379 10.13 -11.57 -6.98
CA GLY B 379 10.48 -12.55 -8.01
C GLY B 379 11.31 -11.96 -9.12
N LEU B 380 11.26 -12.58 -10.29
CA LEU B 380 12.30 -12.41 -11.32
C LEU B 380 12.10 -11.11 -12.09
N ILE B 381 13.20 -10.42 -12.36
CA ILE B 381 13.19 -9.37 -13.40
C ILE B 381 13.19 -10.06 -14.77
N GLU B 382 12.69 -9.38 -15.78
CA GLU B 382 12.43 -9.97 -17.11
C GLU B 382 13.72 -10.51 -17.76
N GLU B 383 14.86 -9.83 -17.63
CA GLU B 383 16.15 -10.30 -18.22
C GLU B 383 16.50 -11.66 -17.62
N VAL B 384 16.24 -11.87 -16.33
CA VAL B 384 16.57 -13.16 -15.67
C VAL B 384 15.56 -14.20 -16.13
N ALA B 385 14.26 -13.85 -16.17
CA ALA B 385 13.20 -14.78 -16.61
C ALA B 385 13.55 -15.25 -18.04
N ALA B 386 13.99 -14.33 -18.89
CA ALA B 386 14.21 -14.54 -20.34
C ALA B 386 15.24 -15.66 -20.54
N LYS B 387 16.23 -15.77 -19.65
CA LYS B 387 17.30 -16.80 -19.66
C LYS B 387 16.77 -18.16 -19.18
N GLU B 388 15.67 -18.21 -18.43
CA GLU B 388 15.21 -19.46 -17.76
C GLU B 388 13.96 -20.01 -18.44
N PHE B 389 13.27 -19.21 -19.26
CA PHE B 389 11.98 -19.59 -19.89
C PHE B 389 12.01 -19.23 -21.37
N GLU B 390 11.44 -20.12 -22.19
CA GLU B 390 11.46 -19.98 -23.67
C GLU B 390 10.69 -18.71 -24.07
N LYS B 391 9.51 -18.52 -23.49
CA LYS B 391 8.63 -17.36 -23.79
C LYS B 391 8.28 -16.61 -22.50
N VAL B 392 8.65 -15.34 -22.43
CA VAL B 392 8.35 -14.43 -21.29
C VAL B 392 7.48 -13.27 -21.78
N ALA B 393 6.35 -13.03 -21.11
CA ALA B 393 5.49 -11.85 -21.41
C ALA B 393 5.74 -10.77 -20.34
N VAL B 394 5.76 -9.51 -20.76
CA VAL B 394 5.79 -8.34 -19.85
C VAL B 394 4.52 -7.51 -20.04
N TYR B 395 3.78 -7.31 -18.94
CA TYR B 395 2.58 -6.45 -18.83
C TYR B 395 3.02 -5.21 -18.07
N MET B 396 2.86 -4.02 -18.66
CA MET B 396 3.41 -2.79 -18.08
C MET B 396 2.35 -1.69 -18.11
N SER B 397 2.21 -1.00 -16.97
CA SER B 397 1.40 0.22 -16.84
C SER B 397 2.32 1.27 -16.21
N SER B 398 2.44 2.42 -16.84
CA SER B 398 3.30 3.50 -16.34
C SER B 398 2.66 4.85 -16.67
N PHE B 399 2.59 5.76 -15.71
CA PHE B 399 1.89 7.05 -15.88
C PHE B 399 2.06 7.85 -14.59
N THR B 400 1.96 9.17 -14.71
CA THR B 400 1.84 10.09 -13.56
C THR B 400 0.46 9.95 -12.98
N PRO B 401 0.32 9.46 -11.73
CA PRO B 401 -0.98 9.45 -11.08
C PRO B 401 -1.57 10.87 -11.10
N LEU B 402 -2.89 10.90 -11.20
CA LEU B 402 -3.71 12.13 -11.17
C LEU B 402 -3.29 13.01 -9.97
N MET B 403 -3.11 12.43 -8.79
CA MET B 403 -2.79 13.26 -7.59
C MET B 403 -1.46 13.99 -7.82
N HIS B 404 -0.55 13.45 -8.62
CA HIS B 404 0.76 14.13 -8.85
C HIS B 404 0.73 15.11 -10.01
N ASN B 405 -0.31 15.10 -10.83
CA ASN B 405 -0.57 16.24 -11.74
C ASN B 405 -0.95 17.44 -10.88
N ILE B 406 -1.81 17.24 -9.90
CA ILE B 406 -2.26 18.33 -9.00
C ILE B 406 -1.13 18.76 -8.05
N SER B 407 -0.37 17.81 -7.48
CA SER B 407 0.69 18.11 -6.48
C SER B 407 1.81 18.93 -7.10
N GLY B 408 1.99 18.85 -8.42
CA GLY B 408 3.11 19.45 -9.16
C GLY B 408 4.31 18.52 -9.29
N SER B 409 4.31 17.33 -8.67
CA SER B 409 5.36 16.29 -8.86
C SER B 409 5.06 15.42 -10.10
N LYS B 410 5.02 16.01 -11.31
CA LYS B 410 4.58 15.30 -12.54
C LYS B 410 5.62 14.26 -12.95
N TYR B 411 6.83 14.38 -12.45
CA TYR B 411 7.94 13.42 -12.62
C TYR B 411 7.67 12.09 -11.90
N LYS B 412 6.73 12.05 -10.95
CA LYS B 412 6.46 10.80 -10.18
C LYS B 412 5.63 9.81 -11.00
N LYS B 413 6.28 9.19 -11.97
CA LYS B 413 5.68 8.13 -12.80
C LYS B 413 5.58 6.90 -11.91
N PHE B 414 4.37 6.42 -11.74
CA PHE B 414 4.08 5.09 -11.18
C PHE B 414 4.44 4.04 -12.24
N VAL B 415 5.15 2.98 -11.85
CA VAL B 415 5.47 1.86 -12.78
C VAL B 415 4.93 0.59 -12.15
N ALA B 416 4.18 -0.21 -12.90
CA ALA B 416 3.75 -1.55 -12.47
C ALA B 416 4.06 -2.50 -13.63
N LYS B 417 4.82 -3.55 -13.36
CA LYS B 417 5.16 -4.55 -14.40
C LYS B 417 4.96 -5.94 -13.82
N ILE B 418 4.35 -6.80 -14.63
CA ILE B 418 4.14 -8.22 -14.30
C ILE B 418 4.88 -8.97 -15.39
N VAL B 419 5.80 -9.84 -14.97
CA VAL B 419 6.58 -10.75 -15.86
C VAL B 419 5.97 -12.15 -15.74
N THR B 420 5.65 -12.79 -16.88
CA THR B 420 5.02 -14.14 -16.85
C THR B 420 5.87 -15.13 -17.63
N ASN B 421 5.73 -16.39 -17.27
CA ASN B 421 5.97 -17.53 -18.21
C ASN B 421 4.82 -17.53 -19.23
N HIS B 422 5.04 -17.06 -20.45
CA HIS B 422 3.94 -16.89 -21.45
C HIS B 422 3.37 -18.25 -21.90
N SER B 423 4.09 -19.35 -21.66
CA SER B 423 3.63 -20.72 -21.98
C SER B 423 2.41 -21.06 -21.14
N ASP B 424 2.33 -20.61 -19.88
CA ASP B 424 1.17 -21.01 -19.04
C ASP B 424 0.53 -19.82 -18.32
N GLY B 425 1.12 -18.63 -18.37
CA GLY B 425 0.57 -17.44 -17.68
C GLY B 425 1.13 -17.26 -16.27
N THR B 426 1.98 -18.17 -15.79
CA THR B 426 2.48 -18.16 -14.40
C THR B 426 3.24 -16.84 -14.17
N VAL B 427 2.86 -16.10 -13.12
CA VAL B 427 3.60 -14.83 -12.78
C VAL B 427 4.95 -15.18 -12.18
N LEU B 428 6.02 -14.68 -12.79
CA LEU B 428 7.44 -14.93 -12.36
C LEU B 428 7.96 -13.78 -11.49
N GLY B 429 7.49 -12.56 -11.77
CA GLY B 429 7.95 -11.32 -11.11
C GLY B 429 6.92 -10.20 -11.22
N VAL B 430 6.86 -9.38 -10.16
CA VAL B 430 6.01 -8.17 -10.10
C VAL B 430 6.91 -7.06 -9.60
N HIS B 431 6.94 -5.92 -10.28
CA HIS B 431 7.88 -4.81 -9.97
C HIS B 431 7.11 -3.50 -9.99
N LEU B 432 7.16 -2.77 -8.87
CA LEU B 432 6.36 -1.53 -8.65
C LEU B 432 7.29 -0.39 -8.26
N LEU B 433 7.00 0.78 -8.81
CA LEU B 433 7.61 2.03 -8.34
C LEU B 433 6.51 3.02 -8.14
N GLY B 434 6.43 3.58 -6.93
CA GLY B 434 5.44 4.62 -6.63
C GLY B 434 5.04 4.59 -5.17
N ASP B 435 4.38 5.64 -4.74
CA ASP B 435 3.85 5.77 -3.36
C ASP B 435 3.10 4.46 -3.06
N GLY B 436 3.41 3.80 -1.95
CA GLY B 436 2.69 2.59 -1.50
C GLY B 436 3.24 1.28 -2.03
N ALA B 437 4.21 1.28 -2.93
CA ALA B 437 4.67 0.06 -3.59
C ALA B 437 5.08 -1.03 -2.58
N PRO B 438 5.83 -0.73 -1.48
CA PRO B 438 6.22 -1.75 -0.51
C PRO B 438 5.01 -2.43 0.17
N GLU B 439 3.94 -1.66 0.34
CA GLU B 439 2.67 -2.12 0.98
C GLU B 439 1.89 -2.96 -0.05
N ILE B 440 1.92 -2.58 -1.32
CA ILE B 440 1.19 -3.33 -2.39
C ILE B 440 1.82 -4.71 -2.57
N ILE B 441 3.14 -4.80 -2.55
CA ILE B 441 3.88 -6.00 -2.99
C ILE B 441 3.70 -7.14 -1.98
N GLN B 442 3.38 -6.89 -0.71
CA GLN B 442 3.38 -7.97 0.32
C GLN B 442 2.44 -9.11 -0.09
N ALA B 443 1.17 -8.82 -0.37
CA ALA B 443 0.19 -9.87 -0.69
C ALA B 443 0.51 -10.43 -2.09
N VAL B 444 1.28 -9.73 -2.89
CA VAL B 444 1.78 -10.29 -4.18
C VAL B 444 2.70 -11.46 -3.87
N GLY B 445 3.55 -11.33 -2.85
CA GLY B 445 4.36 -12.46 -2.35
C GLY B 445 3.51 -13.69 -2.14
N VAL B 446 2.34 -13.54 -1.52
CA VAL B 446 1.42 -14.67 -1.24
C VAL B 446 0.90 -15.20 -2.58
N CYS B 447 0.62 -14.31 -3.53
CA CYS B 447 0.12 -14.69 -4.90
C CYS B 447 1.13 -15.60 -5.59
N LEU B 448 2.42 -15.27 -5.54
CA LEU B 448 3.49 -16.03 -6.22
C LEU B 448 3.70 -17.37 -5.49
N ARG B 449 3.58 -17.42 -4.17
CA ARG B 449 3.60 -18.71 -3.44
C ARG B 449 2.49 -19.62 -3.99
N LEU B 450 1.33 -19.07 -4.39
CA LEU B 450 0.17 -19.84 -4.88
C LEU B 450 0.23 -20.03 -6.41
N ASN B 451 1.35 -19.74 -7.07
CA ASN B 451 1.52 -19.94 -8.53
C ASN B 451 0.42 -19.18 -9.27
N ALA B 452 0.13 -17.95 -8.85
CA ALA B 452 -0.85 -17.09 -9.55
C ALA B 452 -0.39 -16.92 -11.01
N LYS B 453 -1.37 -16.86 -11.90
CA LYS B 453 -1.19 -16.55 -13.34
C LYS B 453 -1.69 -15.12 -13.58
N ILE B 454 -1.31 -14.52 -14.70
CA ILE B 454 -1.84 -13.21 -15.11
C ILE B 454 -3.37 -13.22 -15.14
N SER B 455 -4.02 -14.33 -15.54
CA SER B 455 -5.50 -14.41 -15.57
C SER B 455 -6.05 -14.22 -14.15
N ASP B 456 -5.34 -14.74 -13.14
CA ASP B 456 -5.78 -14.61 -11.73
C ASP B 456 -5.73 -13.14 -11.29
N PHE B 457 -4.72 -12.39 -11.73
CA PHE B 457 -4.69 -10.92 -11.50
C PHE B 457 -5.81 -10.18 -12.27
N TYR B 458 -5.98 -10.42 -13.58
N TYR B 458 -5.94 -10.41 -13.58
CA TYR B 458 -6.90 -9.60 -14.40
CA TYR B 458 -6.90 -9.67 -14.44
C TYR B 458 -8.36 -10.02 -14.19
C TYR B 458 -8.34 -9.96 -13.98
N ASN B 459 -8.64 -11.22 -13.66
CA ASN B 459 -10.03 -11.59 -13.28
C ASN B 459 -10.38 -11.15 -11.87
N THR B 460 -9.41 -10.81 -11.04
CA THR B 460 -9.70 -10.22 -9.72
C THR B 460 -10.29 -8.81 -9.94
N ILE B 461 -11.28 -8.46 -9.16
CA ILE B 461 -11.89 -7.11 -9.21
C ILE B 461 -10.95 -6.09 -8.52
N GLY B 462 -10.74 -4.97 -9.20
CA GLY B 462 -9.89 -3.88 -8.67
C GLY B 462 -10.53 -3.24 -7.44
N VAL B 463 -9.67 -2.65 -6.61
CA VAL B 463 -10.05 -1.65 -5.56
C VAL B 463 -9.75 -0.30 -6.16
N HIS B 464 -10.71 0.58 -6.20
CA HIS B 464 -10.57 1.86 -6.95
C HIS B 464 -10.98 3.01 -6.06
N PRO B 465 -10.25 4.15 -6.06
CA PRO B 465 -9.02 4.32 -6.86
C PRO B 465 -7.77 3.98 -6.04
N THR B 466 -6.88 3.18 -6.66
CA THR B 466 -5.60 2.78 -6.04
C THR B 466 -4.54 2.73 -7.14
N SER B 467 -3.28 2.75 -6.76
CA SER B 467 -2.19 2.33 -7.67
C SER B 467 -2.28 0.83 -7.86
N ALA B 468 -2.53 0.06 -6.79
CA ALA B 468 -2.48 -1.43 -6.83
C ALA B 468 -3.39 -1.98 -7.94
N GLU B 469 -4.55 -1.38 -8.18
CA GLU B 469 -5.54 -1.94 -9.15
C GLU B 469 -4.94 -2.02 -10.54
N GLU B 470 -3.84 -1.32 -10.82
CA GLU B 470 -3.19 -1.39 -12.16
C GLU B 470 -2.78 -2.83 -12.40
N LEU B 471 -2.47 -3.58 -11.34
CA LEU B 471 -2.04 -4.99 -11.46
C LEU B 471 -3.16 -5.92 -11.92
N CYS B 472 -4.43 -5.50 -11.82
CA CYS B 472 -5.62 -6.36 -12.03
C CYS B 472 -6.46 -5.86 -13.23
N SER B 473 -5.89 -4.98 -14.06
CA SER B 473 -6.57 -4.45 -15.27
C SER B 473 -5.71 -4.68 -16.53
N MET B 474 -4.63 -5.46 -16.44
CA MET B 474 -3.70 -5.73 -17.57
C MET B 474 -4.05 -7.07 -18.22
N ARG B 475 -4.55 -7.02 -19.46
CA ARG B 475 -5.11 -8.19 -20.18
C ARG B 475 -4.08 -8.65 -21.24
N THR B 476 -3.26 -7.72 -21.74
CA THR B 476 -2.47 -7.86 -22.99
C THR B 476 -1.03 -7.48 -22.75
N PRO B 477 -0.06 -8.35 -23.13
CA PRO B 477 1.35 -8.01 -22.93
C PRO B 477 1.73 -6.71 -23.65
N SER B 478 2.66 -5.95 -23.07
CA SER B 478 3.30 -4.77 -23.68
C SER B 478 4.38 -5.25 -24.65
N TYR B 479 5.07 -6.33 -24.30
CA TYR B 479 6.15 -6.92 -25.15
C TYR B 479 6.49 -8.32 -24.62
N TYR B 480 7.36 -9.02 -25.34
CA TYR B 480 7.76 -10.43 -25.04
C TYR B 480 9.28 -10.55 -25.09
N TYR B 481 9.78 -11.62 -24.48
CA TYR B 481 11.09 -12.26 -24.76
C TYR B 481 10.86 -13.69 -25.24
N VAL B 482 11.41 -13.98 -26.41
CA VAL B 482 11.35 -15.34 -27.03
C VAL B 482 12.79 -15.82 -27.15
N LYS B 483 13.12 -16.93 -26.49
CA LYS B 483 14.49 -17.52 -26.47
C LYS B 483 15.51 -16.42 -26.17
N GLY B 484 15.29 -15.62 -25.12
CA GLY B 484 16.25 -14.60 -24.65
C GLY B 484 16.15 -13.29 -25.43
N GLU B 485 15.32 -13.23 -26.47
CA GLU B 485 15.29 -12.09 -27.43
C GLU B 485 14.03 -11.25 -27.24
N LYS B 486 14.20 -9.94 -27.03
CA LYS B 486 13.08 -9.00 -26.79
C LYS B 486 12.34 -8.73 -28.11
N MET B 487 11.02 -8.93 -28.12
CA MET B 487 10.17 -8.63 -29.29
C MET B 487 9.00 -7.76 -28.83
N GLU B 488 8.77 -6.63 -29.51
CA GLU B 488 7.47 -5.90 -29.37
C GLU B 488 6.35 -6.66 -30.08
PA FAD C . -22.19 5.29 -13.71
O1A FAD C . -20.72 5.29 -13.66
O2A FAD C . -22.99 5.96 -12.64
O5B FAD C . -22.64 5.76 -15.18
C5B FAD C . -24.04 6.03 -15.39
C4B FAD C . -24.15 7.11 -16.43
O4B FAD C . -25.45 7.02 -17.07
C3B FAD C . -24.04 8.55 -15.90
O3B FAD C . -22.95 9.18 -16.57
C2B FAD C . -25.38 9.22 -16.24
O2B FAD C . -25.24 10.53 -16.76
C1B FAD C . -25.91 8.33 -17.37
N9A FAD C . -27.36 8.25 -17.52
C8A FAD C . -28.29 7.96 -16.54
N7A FAD C . -29.50 7.85 -17.02
C5A FAD C . -29.38 8.07 -18.38
C6A FAD C . -30.31 8.10 -19.44
N6A FAD C . -31.60 7.81 -19.30
N1A FAD C . -29.83 8.31 -20.69
C2A FAD C . -28.51 8.55 -20.84
N3A FAD C . -27.54 8.56 -19.92
C4A FAD C . -28.05 8.31 -18.70
N1 FAD C . -16.97 3.23 -6.25
C2 FAD C . -15.76 2.71 -6.08
O2 FAD C . -15.48 1.61 -6.59
N3 FAD C . -14.78 3.37 -5.36
C4 FAD C . -15.01 4.62 -4.80
O4 FAD C . -14.10 5.20 -4.20
C4X FAD C . -16.29 5.19 -5.01
N5 FAD C . -16.56 6.38 -4.49
C5X FAD C . -17.80 6.91 -4.74
C6 FAD C . -18.10 8.18 -4.23
C7 FAD C . -19.31 8.79 -4.47
C7M FAD C . -19.54 10.17 -3.91
C8 FAD C . -20.28 8.15 -5.25
C8M FAD C . -21.60 8.81 -5.57
C9 FAD C . -20.02 6.87 -5.71
C9A FAD C . -18.77 6.25 -5.51
N10 FAD C . -18.48 4.97 -5.99
C10 FAD C . -17.23 4.42 -5.77
C1' FAD C . -19.49 4.22 -6.75
C2' FAD C . -19.28 4.29 -8.22
O2' FAD C . -19.31 5.68 -8.60
C3' FAD C . -20.36 3.52 -8.97
O3' FAD C . -20.48 2.20 -8.45
C4' FAD C . -20.18 3.46 -10.48
O4' FAD C . -20.00 4.78 -11.04
C5' FAD C . -21.33 2.73 -11.14
O5' FAD C . -21.03 2.55 -12.52
P FAD C . -22.24 2.33 -13.54
O1P FAD C . -23.32 1.53 -12.86
O2P FAD C . -21.56 1.90 -14.79
O3P FAD C . -22.80 3.81 -13.75
S DMS D . 4.78 22.46 13.53
O DMS D . 6.04 23.27 13.54
C1 DMS D . 4.92 21.37 12.14
C2 DMS D . 3.48 23.48 12.90
S DMS E . -25.85 -1.25 14.58
O DMS E . -24.66 -1.29 15.52
C1 DMS E . -25.74 -2.68 13.51
C2 DMS E . -25.54 0.03 13.40
S DMS F . -21.70 21.09 -18.34
O DMS F . -22.81 20.40 -19.08
C1 DMS F . -22.34 22.70 -17.92
C2 DMS F . -20.58 21.63 -19.60
S DMS G . -18.56 -3.87 2.13
O DMS G . -18.70 -3.29 0.77
C1 DMS G . -18.98 -5.59 1.97
C2 DMS G . -20.02 -3.38 3.00
S DMS H . -5.53 16.19 17.04
O DMS H . -5.19 17.28 16.07
C1 DMS H . -4.00 15.71 17.83
C2 DMS H . -5.75 14.73 16.06
S DMS I . -23.16 -23.28 12.18
O DMS I . -23.13 -23.66 10.72
C1 DMS I . -24.08 -24.55 13.03
C2 DMS I . -24.35 -21.96 12.33
S DMS J . -16.09 19.13 -23.69
O DMS J . -16.04 20.11 -22.56
C1 DMS J . -15.68 17.53 -23.02
C2 DMS J . -14.63 19.41 -24.65
MG MG K . -15.92 6.87 -32.76
PA FAD L . 22.08 -8.90 12.43
O1A FAD L . 23.03 -7.94 11.85
O2A FAD L . 20.67 -8.45 12.64
O5B FAD L . 22.61 -9.26 13.89
C5B FAD L . 23.98 -9.68 14.12
C4B FAD L . 24.35 -9.32 15.54
O4B FAD L . 25.55 -10.01 15.95
C3B FAD L . 24.62 -7.82 15.76
O3B FAD L . 23.67 -7.38 16.71
C2B FAD L . 26.09 -7.74 16.25
O2B FAD L . 26.28 -6.86 17.32
C1B FAD L . 26.33 -9.15 16.75
N9A FAD L . 27.71 -9.65 16.68
C8A FAD L . 28.57 -9.65 15.64
N7A FAD L . 29.71 -10.26 15.89
C5A FAD L . 29.55 -10.76 17.18
C6A FAD L . 30.36 -11.52 18.02
N6A FAD L . 31.54 -12.03 17.62
N1A FAD L . 29.88 -11.84 19.25
C2A FAD L . 28.69 -11.37 19.61
N3A FAD L . 27.81 -10.65 18.89
C4A FAD L . 28.32 -10.37 17.68
N1 FAD L . 16.57 -5.60 5.64
C2 FAD L . 15.25 -5.57 5.39
O2 FAD L . 14.58 -6.63 5.34
N3 FAD L . 14.58 -4.40 5.21
C4 FAD L . 15.20 -3.18 5.25
O4 FAD L . 14.54 -2.17 5.16
C4X FAD L . 16.60 -3.17 5.56
N5 FAD L . 17.21 -2.03 5.66
C5X FAD L . 18.55 -2.07 5.98
C6 FAD L . 19.26 -0.85 6.08
C7 FAD L . 20.59 -0.80 6.45
C7M FAD L . 21.28 0.53 6.55
C8 FAD L . 21.28 -2.00 6.70
C8M FAD L . 22.74 -1.98 7.07
C9 FAD L . 20.62 -3.20 6.54
C9A FAD L . 19.25 -3.27 6.20
N10 FAD L . 18.55 -4.46 6.04
C10 FAD L . 17.21 -4.46 5.73
C1' FAD L . 19.23 -5.75 6.24
C2' FAD L . 19.02 -6.30 7.62
O2' FAD L . 19.42 -5.36 8.61
C3' FAD L . 19.86 -7.57 7.79
O3' FAD L . 19.60 -8.44 6.74
C4' FAD L . 19.56 -8.32 9.10
O4' FAD L . 19.72 -7.43 10.21
C5' FAD L . 20.48 -9.50 9.28
O5' FAD L . 20.03 -10.30 10.39
P FAD L . 21.08 -11.30 11.01
O1P FAD L . 20.41 -12.15 12.01
O2P FAD L . 21.87 -11.91 9.88
O3P FAD L . 22.15 -10.29 11.68
S DMS M . 3.28 26.69 0.18
O DMS M . 2.31 27.84 0.34
C1 DMS M . 2.49 25.29 0.90
C2 DMS M . 4.54 26.95 1.38
S DMS N . 39.84 -27.69 13.98
O DMS N . 40.41 -27.78 12.59
C1 DMS N . 41.17 -27.36 15.12
C2 DMS N . 39.41 -29.34 14.50
S DMS O . 26.28 1.35 24.00
O DMS O . 27.73 1.26 24.30
C1 DMS O . 25.80 3.02 24.39
C2 DMS O . 25.47 0.49 25.31
S DMS P . 11.14 -12.86 19.02
O DMS P . 10.28 -12.49 20.19
C1 DMS P . 12.67 -12.00 19.23
C2 DMS P . 10.56 -11.93 17.62
C4 O0M Q . -4.00 5.76 -15.66
C5 O0M Q . -4.33 4.42 -15.63
C6 O0M Q . -5.36 3.93 -16.42
C7 O0M Q . -5.74 2.46 -16.36
C8 O0M Q . -7.40 2.98 -14.68
C10 O0M Q . -8.45 1.19 -13.31
C13 O0M Q . -6.08 4.83 -17.20
N O0M Q . -6.29 2.09 -15.05
C O0M Q . -3.04 8.39 -17.27
O O0M Q . -9.54 1.05 -14.22
C1 O0M Q . -4.32 8.14 -16.47
C11 O0M Q . -7.31 0.28 -13.71
C12 O0M Q . -6.72 0.70 -15.05
C14 O0M Q . -5.75 6.17 -17.21
C2 O0M Q . -4.20 8.74 -15.07
C3 O0M Q . -4.70 6.67 -16.45
C9 O0M Q . -7.97 2.62 -13.33
BR BR R . 24.60 -1.05 -15.43
MG MG S . 15.99 -15.49 30.67
#